data_1HEI
#
_entry.id   1HEI
#
_cell.length_a   81.540
_cell.length_b   102.730
_cell.length_c   119.500
_cell.angle_alpha   90.00
_cell.angle_beta   90.00
_cell.angle_gamma   90.00
#
_symmetry.space_group_name_H-M   'P 21 21 21'
#
loop_
_entity.id
_entity.type
_entity.pdbx_description
1 polymer 'HCV HELICASE'
2 non-polymer 'CALCIUM ION'
3 water water
#
_entity_poly.entity_id   1
_entity_poly.type   'polypeptide(L)'
_entity_poly.pdbx_seq_one_letter_code
;RSPVFTDNSSPPAVPQSFQVAHLHAPTGSGKSTKVPAAYAAQGYKVLVLNPSVAATLGFGAYMSKAHGVDPNIRTGVRTI
TTGSPITYSTYGKFLADGGCSGGAYDIIICDECHSTDATSILGIGTVLDQAETAGARLVVLATATPPGSVTVSHPNIEEV
ALSTTGEIPFYGKAIPLEVIKGGRHLIFCHSKKKCDELAAKLVALGINAVAYYRGLDVSVIPTNGDVVVVSTDALMTGFT
GDFDSVIDCNTCVTQTVDFSLDPTFTIETTTLPQDAVSRTQRRGRTGRGKPGIYRFVAPGERPSGMFDSSVLCECYDAGC
AWYELMPAETTVRLRAYMNTPGLPVCQDHLEFWEGVFTGLTHIDAHFLSQTKQSGENFPYLVAYQATVCARAQAPPPSWD
QMWKCLIRLKPTLHGPTPLLYRLGAVQNEVTLTHPITKYIMTCMSADLEVV
;
_entity_poly.pdbx_strand_id   A,B
#
loop_
_chem_comp.id
_chem_comp.type
_chem_comp.name
_chem_comp.formula
CA non-polymer 'CALCIUM ION' 'Ca 2'
#
# COMPACT_ATOMS: atom_id res chain seq x y z
N ASN A 8 13.53 18.12 -9.73
CA ASN A 8 14.55 18.92 -10.49
C ASN A 8 14.79 18.24 -11.82
N SER A 9 14.19 18.81 -12.86
CA SER A 9 14.27 18.30 -14.22
C SER A 9 15.64 18.38 -14.86
N SER A 10 16.49 19.27 -14.36
CA SER A 10 17.84 19.43 -14.88
C SER A 10 18.81 18.77 -13.92
N PRO A 11 19.98 18.33 -14.42
CA PRO A 11 20.98 17.69 -13.55
C PRO A 11 21.48 18.74 -12.58
N PRO A 12 21.32 18.47 -11.28
CA PRO A 12 21.73 19.37 -10.21
C PRO A 12 23.14 19.93 -10.39
N ALA A 13 23.32 21.19 -9.97
CA ALA A 13 24.63 21.85 -10.03
C ALA A 13 25.36 21.53 -8.74
N VAL A 14 26.61 21.12 -8.85
CA VAL A 14 27.41 20.79 -7.67
C VAL A 14 27.57 22.12 -6.93
N PRO A 15 27.13 22.16 -5.67
CA PRO A 15 27.23 23.38 -4.85
C PRO A 15 28.58 23.52 -4.17
N GLN A 16 28.90 24.70 -3.66
CA GLN A 16 30.16 24.90 -2.96
C GLN A 16 30.22 24.10 -1.67
N SER A 17 29.05 23.74 -1.14
CA SER A 17 29.00 22.95 0.08
C SER A 17 27.96 21.85 -0.09
N PHE A 18 28.23 20.70 0.51
CA PHE A 18 27.37 19.53 0.46
C PHE A 18 25.88 19.76 0.45
N GLN A 19 25.18 19.02 -0.40
CA GLN A 19 23.72 19.06 -0.47
C GLN A 19 23.11 17.83 -1.16
N VAL A 20 21.84 17.56 -0.88
CA VAL A 20 21.11 16.45 -1.44
C VAL A 20 20.04 16.94 -2.42
N ALA A 21 20.27 16.70 -3.70
CA ALA A 21 19.35 17.14 -4.75
C ALA A 21 18.59 15.98 -5.36
N HIS A 22 17.42 16.25 -5.93
CA HIS A 22 16.64 15.21 -6.54
C HIS A 22 16.56 15.47 -8.02
N LEU A 23 17.07 14.56 -8.83
CA LEU A 23 17.00 14.67 -10.30
C LEU A 23 15.79 13.80 -10.68
N HIS A 24 14.69 14.43 -11.08
CA HIS A 24 13.50 13.68 -11.46
C HIS A 24 13.22 13.97 -12.92
N ALA A 25 13.97 13.28 -13.76
CA ALA A 25 13.91 13.41 -15.21
C ALA A 25 13.44 12.08 -15.80
N PRO A 26 12.97 12.08 -17.06
CA PRO A 26 12.49 10.84 -17.69
C PRO A 26 13.64 9.90 -18.02
N THR A 27 13.32 8.63 -18.22
CA THR A 27 14.32 7.61 -18.54
C THR A 27 15.15 7.99 -19.76
N GLY A 28 14.68 9.00 -20.48
CA GLY A 28 15.36 9.49 -21.67
C GLY A 28 16.65 10.22 -21.32
N SER A 29 16.60 11.14 -20.36
CA SER A 29 17.80 11.86 -19.95
C SER A 29 18.79 10.76 -19.53
N GLY A 30 20.07 10.95 -19.85
CA GLY A 30 21.06 9.94 -19.48
C GLY A 30 21.51 10.07 -18.04
N LYS A 31 20.55 10.00 -17.11
CA LYS A 31 20.80 10.12 -15.68
C LYS A 31 21.96 9.28 -15.23
N SER A 32 22.11 8.11 -15.83
CA SER A 32 23.20 7.22 -15.46
C SER A 32 24.35 7.26 -16.45
N THR A 33 24.17 7.95 -17.58
CA THR A 33 25.21 8.05 -18.59
C THR A 33 25.58 9.49 -19.00
N LYS A 34 24.63 10.24 -19.54
CA LYS A 34 24.91 11.61 -19.94
C LYS A 34 25.25 12.48 -18.76
N VAL A 35 24.55 12.27 -17.67
CA VAL A 35 24.77 13.05 -16.46
C VAL A 35 26.17 12.91 -15.84
N PRO A 36 26.58 11.70 -15.45
CA PRO A 36 27.90 11.55 -14.85
C PRO A 36 29.02 12.04 -15.77
N ALA A 37 28.85 11.82 -17.08
CA ALA A 37 29.83 12.24 -18.08
C ALA A 37 30.00 13.74 -18.03
N ALA A 38 28.86 14.43 -17.91
CA ALA A 38 28.79 15.90 -17.85
C ALA A 38 29.53 16.42 -16.63
N TYR A 39 29.30 15.78 -15.48
CA TYR A 39 29.97 16.15 -14.24
C TYR A 39 31.44 15.82 -14.35
N ALA A 40 31.75 14.75 -15.06
CA ALA A 40 33.13 14.34 -15.21
C ALA A 40 33.87 15.38 -16.01
N ALA A 41 33.18 15.93 -17.01
CA ALA A 41 33.71 16.95 -17.89
C ALA A 41 34.00 18.25 -17.15
N GLN A 42 33.32 18.46 -16.02
CA GLN A 42 33.55 19.63 -15.18
C GLN A 42 34.68 19.33 -14.22
N GLY A 43 35.23 18.12 -14.29
CA GLY A 43 36.31 17.75 -13.40
C GLY A 43 35.92 17.04 -12.12
N TYR A 44 34.66 16.63 -11.95
CA TYR A 44 34.20 15.94 -10.74
C TYR A 44 34.25 14.42 -10.73
N LYS A 45 34.55 13.81 -9.58
CA LYS A 45 34.57 12.35 -9.49
C LYS A 45 33.18 11.91 -9.07
N VAL A 46 32.54 11.14 -9.94
CA VAL A 46 31.18 10.70 -9.71
C VAL A 46 31.01 9.21 -9.52
N LEU A 47 30.11 8.84 -8.64
CA LEU A 47 29.79 7.45 -8.36
C LEU A 47 28.32 7.32 -8.71
N VAL A 48 28.00 6.40 -9.64
CA VAL A 48 26.64 6.13 -10.12
C VAL A 48 26.21 4.76 -9.64
N LEU A 49 25.17 4.72 -8.82
CA LEU A 49 24.67 3.47 -8.26
C LEU A 49 23.33 3.03 -8.85
N ASN A 50 23.20 1.73 -9.09
CA ASN A 50 21.96 1.18 -9.65
C ASN A 50 21.73 -0.15 -8.99
N PRO A 51 20.47 -0.61 -9.01
CA PRO A 51 20.11 -1.89 -8.39
C PRO A 51 20.63 -3.11 -9.17
N SER A 52 20.64 -3.06 -10.50
CA SER A 52 21.09 -4.25 -11.20
C SER A 52 22.53 -4.26 -11.67
N VAL A 53 23.07 -5.47 -11.71
CA VAL A 53 24.41 -5.72 -12.21
C VAL A 53 24.26 -5.56 -13.71
N ALA A 54 23.11 -5.95 -14.23
CA ALA A 54 22.86 -5.81 -15.65
C ALA A 54 23.06 -4.33 -15.98
N ALA A 55 22.37 -3.45 -15.25
CA ALA A 55 22.47 -2.02 -15.45
C ALA A 55 23.88 -1.51 -15.25
N THR A 56 24.42 -1.69 -14.05
CA THR A 56 25.77 -1.27 -13.75
C THR A 56 26.79 -1.66 -14.83
N LEU A 57 26.82 -2.95 -15.19
CA LEU A 57 27.74 -3.45 -16.22
C LEU A 57 27.46 -2.81 -17.58
N GLY A 58 26.18 -2.52 -17.80
CA GLY A 58 25.74 -1.94 -19.06
C GLY A 58 26.13 -0.51 -19.28
N PHE A 59 26.18 0.28 -18.21
CA PHE A 59 26.54 1.69 -18.31
C PHE A 59 27.99 1.93 -18.65
N GLY A 60 28.85 0.97 -18.31
CA GLY A 60 30.25 1.11 -18.63
C GLY A 60 30.49 0.99 -20.13
N ALA A 61 29.78 0.05 -20.74
CA ALA A 61 29.90 -0.18 -22.16
C ALA A 61 29.46 1.07 -22.91
N TYR A 62 28.21 1.46 -22.71
CA TYR A 62 27.67 2.63 -23.36
C TYR A 62 28.64 3.80 -23.28
N MET A 63 29.03 4.16 -22.06
CA MET A 63 29.94 5.27 -21.85
C MET A 63 31.17 5.25 -22.75
N SER A 64 31.85 4.11 -22.80
CA SER A 64 33.06 3.94 -23.61
C SER A 64 32.86 4.44 -25.04
N LYS A 65 31.82 3.92 -25.70
CA LYS A 65 31.52 4.33 -27.06
C LYS A 65 30.81 5.66 -27.02
N ALA A 66 29.54 5.61 -26.65
CA ALA A 66 28.67 6.78 -26.59
C ALA A 66 29.10 8.00 -25.78
N HIS A 67 30.14 7.89 -24.96
CA HIS A 67 30.57 9.06 -24.19
C HIS A 67 32.09 9.17 -24.03
N GLY A 68 32.83 8.42 -24.85
CA GLY A 68 34.28 8.46 -24.80
C GLY A 68 34.86 8.29 -23.40
N VAL A 69 34.05 7.76 -22.49
CA VAL A 69 34.44 7.55 -21.11
C VAL A 69 34.51 6.08 -20.80
N ASP A 70 35.66 5.62 -20.31
CA ASP A 70 35.82 4.23 -19.93
C ASP A 70 35.76 4.25 -18.40
N PRO A 71 34.59 3.91 -17.83
CA PRO A 71 34.44 3.91 -16.38
C PRO A 71 34.88 2.63 -15.69
N ASN A 72 34.93 2.72 -14.37
CA ASN A 72 35.26 1.60 -13.53
C ASN A 72 33.88 1.01 -13.34
N ILE A 73 33.75 -0.31 -13.49
CA ILE A 73 32.49 -1.01 -13.33
C ILE A 73 32.66 -2.01 -12.18
N ARG A 74 32.09 -1.67 -11.02
CA ARG A 74 32.15 -2.49 -9.81
C ARG A 74 30.87 -3.28 -9.56
N THR A 75 31.01 -4.58 -9.60
CA THR A 75 29.90 -5.49 -9.40
C THR A 75 30.45 -6.67 -8.62
N GLY A 76 29.62 -7.28 -7.79
CA GLY A 76 30.09 -8.42 -7.04
C GLY A 76 30.07 -9.60 -7.99
N VAL A 77 31.17 -9.81 -8.69
CA VAL A 77 31.34 -10.88 -9.66
C VAL A 77 32.30 -10.40 -10.73
N ARG A 78 32.43 -9.07 -10.82
CA ARG A 78 33.30 -8.43 -11.79
C ARG A 78 33.58 -6.99 -11.38
N THR A 79 34.85 -6.69 -11.12
CA THR A 79 35.29 -5.37 -10.72
C THR A 79 36.32 -4.78 -11.72
N ILE A 80 35.83 -4.15 -12.79
CA ILE A 80 36.74 -3.56 -13.79
C ILE A 80 37.26 -2.25 -13.23
N THR A 81 38.58 -2.15 -13.13
CA THR A 81 39.22 -0.97 -12.58
C THR A 81 40.19 -0.31 -13.59
N THR A 82 39.91 0.96 -13.90
CA THR A 82 40.70 1.74 -14.83
C THR A 82 40.68 3.21 -14.39
N GLY A 83 41.41 3.52 -13.31
CA GLY A 83 41.47 4.86 -12.73
C GLY A 83 40.71 5.97 -13.46
N SER A 84 39.41 6.06 -13.28
CA SER A 84 38.61 7.07 -13.98
C SER A 84 37.69 7.76 -12.97
N PRO A 85 37.36 9.06 -13.19
CA PRO A 85 36.47 9.78 -12.28
C PRO A 85 35.08 9.15 -12.13
N ILE A 86 34.58 8.52 -13.20
CA ILE A 86 33.27 7.86 -13.18
C ILE A 86 33.36 6.39 -12.78
N THR A 87 32.64 6.03 -11.72
CA THR A 87 32.61 4.67 -11.19
C THR A 87 31.19 4.23 -11.10
N TYR A 88 30.89 3.07 -11.69
CA TYR A 88 29.55 2.47 -11.67
C TYR A 88 29.59 1.30 -10.70
N SER A 89 28.54 1.18 -9.92
CA SER A 89 28.46 0.11 -8.97
C SER A 89 27.03 -0.09 -8.66
N THR A 90 26.74 -1.29 -8.15
CA THR A 90 25.41 -1.63 -7.73
C THR A 90 25.40 -1.27 -6.25
N TYR A 91 24.22 -0.91 -5.76
CA TYR A 91 24.04 -0.58 -4.36
C TYR A 91 24.62 -1.67 -3.48
N GLY A 92 24.41 -2.92 -3.88
CA GLY A 92 24.93 -4.05 -3.14
C GLY A 92 26.44 -4.12 -3.04
N LYS A 93 27.14 -3.92 -4.15
CA LYS A 93 28.60 -3.97 -4.11
C LYS A 93 29.12 -2.76 -3.35
N PHE A 94 28.38 -1.66 -3.44
CA PHE A 94 28.69 -0.42 -2.73
C PHE A 94 28.66 -0.78 -1.22
N LEU A 95 27.52 -1.26 -0.76
CA LEU A 95 27.33 -1.68 0.62
C LEU A 95 28.40 -2.71 1.01
N ALA A 96 28.71 -3.63 0.09
CA ALA A 96 29.72 -4.67 0.37
C ALA A 96 31.13 -4.12 0.44
N ASP A 97 31.37 -2.98 -0.22
CA ASP A 97 32.69 -2.35 -0.22
C ASP A 97 32.89 -1.41 0.99
N GLY A 98 31.99 -1.47 1.95
CA GLY A 98 32.11 -0.63 3.14
C GLY A 98 31.31 0.66 3.14
N GLY A 99 30.70 0.99 2.00
CA GLY A 99 29.93 2.21 1.90
C GLY A 99 30.76 3.27 1.23
N CYS A 100 30.55 4.52 1.65
CA CYS A 100 31.26 5.67 1.10
C CYS A 100 32.75 5.67 1.38
N SER A 101 33.46 4.86 1.32
CA SER A 101 34.31 4.65 2.49
C SER A 101 35.60 5.50 2.39
N GLY A 102 35.70 6.31 1.36
CA GLY A 102 36.89 7.16 1.22
C GLY A 102 36.48 8.53 0.72
N GLY A 103 37.36 9.49 0.91
CA GLY A 103 37.13 10.84 0.38
C GLY A 103 37.53 10.78 -1.09
N ALA A 104 36.82 9.94 -1.83
CA ALA A 104 37.11 9.68 -3.25
C ALA A 104 35.94 10.06 -4.16
N TYR A 105 34.90 10.69 -3.89
CA TYR A 105 33.90 11.13 -4.85
C TYR A 105 33.36 12.48 -4.45
N ASP A 106 33.24 13.36 -5.45
CA ASP A 106 32.67 14.67 -5.23
C ASP A 106 31.15 14.48 -5.42
N ILE A 107 30.76 13.66 -6.40
CA ILE A 107 29.33 13.42 -6.70
C ILE A 107 28.89 11.96 -6.62
N ILE A 108 27.76 11.71 -5.96
CA ILE A 108 27.19 10.36 -5.84
C ILE A 108 25.75 10.34 -6.34
N ILE A 109 25.54 9.71 -7.50
CA ILE A 109 24.21 9.62 -8.09
C ILE A 109 23.56 8.31 -7.69
N CYS A 110 22.50 8.44 -6.90
CA CYS A 110 21.75 7.28 -6.46
C CYS A 110 20.68 7.12 -7.51
N ASP A 111 20.99 6.34 -8.55
CA ASP A 111 20.05 6.13 -9.63
C ASP A 111 18.98 5.10 -9.36
N GLU A 112 17.81 5.29 -9.96
CA GLU A 112 16.70 4.38 -9.77
C GLU A 112 16.37 4.45 -8.28
N CYS A 113 16.48 5.66 -7.72
CA CYS A 113 16.27 5.89 -6.30
C CYS A 113 14.88 5.57 -5.75
N HIS A 114 13.95 5.25 -6.65
CA HIS A 114 12.59 4.88 -6.28
C HIS A 114 12.49 3.38 -5.92
N SER A 115 13.57 2.62 -6.13
CA SER A 115 13.58 1.20 -5.81
C SER A 115 13.38 0.91 -4.34
N THR A 116 12.39 0.08 -4.06
CA THR A 116 12.09 -0.30 -2.70
C THR A 116 12.54 -1.71 -2.37
N ASP A 117 13.68 -2.13 -2.94
CA ASP A 117 14.20 -3.44 -2.57
C ASP A 117 15.21 -3.20 -1.44
N ALA A 118 15.37 -4.17 -0.54
CA ALA A 118 16.24 -3.97 0.61
C ALA A 118 17.62 -3.42 0.33
N THR A 119 18.29 -3.89 -0.70
CA THR A 119 19.62 -3.40 -1.03
C THR A 119 19.67 -1.95 -1.53
N SER A 120 18.55 -1.45 -2.05
CA SER A 120 18.53 -0.09 -2.56
C SER A 120 18.26 0.90 -1.46
N ILE A 121 17.34 0.55 -0.58
CA ILE A 121 16.99 1.43 0.54
C ILE A 121 18.18 1.53 1.50
N LEU A 122 18.82 0.39 1.78
CA LEU A 122 19.98 0.34 2.66
C LEU A 122 21.16 1.05 2.01
N GLY A 123 21.30 0.90 0.70
CA GLY A 123 22.38 1.54 -0.04
C GLY A 123 22.24 3.05 -0.12
N ILE A 124 21.00 3.52 -0.30
CA ILE A 124 20.66 4.94 -0.42
C ILE A 124 20.75 5.68 0.94
N GLY A 125 20.35 4.98 2.00
CA GLY A 125 20.43 5.54 3.35
C GLY A 125 21.86 5.59 3.82
N THR A 126 22.69 4.67 3.33
CA THR A 126 24.12 4.65 3.66
C THR A 126 24.76 5.89 3.02
N VAL A 127 24.43 6.17 1.76
CA VAL A 127 24.99 7.35 1.09
C VAL A 127 24.50 8.60 1.84
N LEU A 128 23.20 8.67 2.07
CA LEU A 128 22.61 9.82 2.75
C LEU A 128 23.26 10.10 4.10
N ASP A 129 23.83 9.07 4.71
CA ASP A 129 24.44 9.21 6.01
C ASP A 129 25.95 9.30 6.03
N GLN A 130 26.62 8.96 4.93
CA GLN A 130 28.07 9.02 4.90
C GLN A 130 28.73 9.95 3.90
N ALA A 131 27.99 10.34 2.83
CA ALA A 131 28.53 11.21 1.77
C ALA A 131 29.19 12.51 2.23
N GLU A 132 28.47 13.39 2.91
CA GLU A 132 29.05 14.65 3.39
C GLU A 132 30.33 14.42 4.18
N THR A 133 30.27 13.54 5.17
CA THR A 133 31.41 13.20 6.01
C THR A 133 32.54 12.55 5.22
N ALA A 134 32.19 11.87 4.14
CA ALA A 134 33.18 11.20 3.28
C ALA A 134 33.81 12.17 2.29
N GLY A 135 33.33 13.41 2.26
CA GLY A 135 33.91 14.40 1.37
C GLY A 135 33.17 14.59 0.07
N ALA A 136 31.88 14.31 0.06
CA ALA A 136 31.04 14.46 -1.14
C ALA A 136 30.25 15.75 -1.03
N ARG A 137 30.14 16.52 -2.11
CA ARG A 137 29.39 17.77 -2.07
C ARG A 137 27.98 17.62 -2.61
N LEU A 138 27.78 16.60 -3.44
CA LEU A 138 26.49 16.36 -4.05
C LEU A 138 26.12 14.87 -4.04
N VAL A 139 24.85 14.62 -3.75
CA VAL A 139 24.25 13.30 -3.71
C VAL A 139 22.95 13.56 -4.47
N VAL A 140 22.80 13.00 -5.67
CA VAL A 140 21.55 13.22 -6.43
C VAL A 140 20.67 11.97 -6.34
N LEU A 141 19.43 12.15 -5.91
CA LEU A 141 18.47 11.08 -5.78
C LEU A 141 17.65 11.16 -7.09
N ALA A 142 18.16 10.43 -8.10
CA ALA A 142 17.60 10.38 -9.46
C ALA A 142 16.61 9.27 -9.72
N THR A 143 15.57 9.60 -10.48
CA THR A 143 14.49 8.67 -10.82
C THR A 143 13.52 9.34 -11.80
N ALA A 144 12.88 8.55 -12.65
CA ALA A 144 11.89 9.09 -13.57
C ALA A 144 10.52 8.88 -12.94
N THR A 145 10.49 8.19 -11.80
CA THR A 145 9.24 7.90 -11.11
C THR A 145 9.34 8.29 -9.66
N PRO A 146 9.23 9.58 -9.34
CA PRO A 146 9.31 10.06 -7.95
C PRO A 146 8.16 9.49 -7.12
N PRO A 147 8.28 9.51 -5.78
CA PRO A 147 7.18 8.96 -4.99
C PRO A 147 5.91 9.72 -5.24
N GLY A 148 4.81 8.99 -5.37
CA GLY A 148 3.53 9.59 -5.62
C GLY A 148 3.19 9.63 -7.08
N SER A 149 4.09 9.15 -7.92
CA SER A 149 3.83 9.17 -9.34
C SER A 149 2.78 8.18 -9.79
N VAL A 150 2.00 8.64 -10.76
CA VAL A 150 0.95 7.88 -11.40
C VAL A 150 1.48 7.76 -12.86
N THR A 151 1.21 6.65 -13.56
CA THR A 151 1.76 6.54 -14.91
C THR A 151 1.23 7.59 -15.86
N VAL A 152 2.14 8.14 -16.66
CA VAL A 152 1.72 9.13 -17.65
C VAL A 152 1.57 8.38 -18.96
N SER A 153 2.39 8.71 -19.95
CA SER A 153 2.30 8.04 -21.23
C SER A 153 3.32 8.61 -22.19
N HIS A 154 3.21 8.12 -23.41
CA HIS A 154 3.99 8.52 -24.57
C HIS A 154 3.18 7.81 -25.62
N PRO A 155 2.48 8.56 -26.47
CA PRO A 155 1.65 8.02 -27.54
C PRO A 155 2.37 7.21 -28.61
N ASN A 156 3.34 6.41 -28.17
CA ASN A 156 4.07 5.51 -29.03
C ASN A 156 3.44 4.18 -28.63
N ILE A 157 2.41 4.28 -27.80
CA ILE A 157 1.65 3.16 -27.27
C ILE A 157 0.18 3.56 -27.23
N GLU A 158 -0.65 2.77 -27.90
CA GLU A 158 -2.09 3.00 -27.95
C GLU A 158 -2.69 2.10 -26.84
N GLU A 159 -3.29 2.71 -25.82
CA GLU A 159 -3.86 1.94 -24.71
C GLU A 159 -5.31 1.60 -24.95
N VAL A 160 -5.65 0.31 -24.95
CA VAL A 160 -7.01 -0.12 -25.20
C VAL A 160 -7.59 -1.08 -24.17
N ALA A 161 -8.69 -0.66 -23.57
CA ALA A 161 -9.37 -1.46 -22.54
C ALA A 161 -9.89 -2.80 -23.03
N LEU A 162 -9.50 -3.84 -22.31
CA LEU A 162 -9.98 -5.17 -22.63
C LEU A 162 -11.44 -5.11 -22.22
N SER A 163 -12.24 -6.05 -22.71
CA SER A 163 -13.64 -6.14 -22.35
C SER A 163 -13.93 -7.61 -22.09
N THR A 164 -15.16 -7.90 -21.68
CA THR A 164 -15.59 -9.24 -21.35
C THR A 164 -15.84 -10.13 -22.56
N THR A 165 -15.86 -9.51 -23.73
CA THR A 165 -16.08 -10.19 -24.98
C THR A 165 -14.73 -10.71 -25.44
N GLY A 166 -14.64 -12.01 -25.70
CA GLY A 166 -13.38 -12.59 -26.14
C GLY A 166 -13.35 -14.06 -25.79
N GLU A 167 -12.58 -14.81 -26.58
CA GLU A 167 -12.43 -16.26 -26.45
C GLU A 167 -11.51 -16.71 -25.34
N ILE A 168 -10.60 -15.84 -24.94
CA ILE A 168 -9.67 -16.18 -23.88
C ILE A 168 -10.04 -15.45 -22.58
N PRO A 169 -10.44 -16.22 -21.57
CA PRO A 169 -10.82 -15.64 -20.28
C PRO A 169 -9.57 -15.01 -19.61
N PHE A 170 -9.71 -13.77 -19.17
CA PHE A 170 -8.57 -13.10 -18.56
C PHE A 170 -8.84 -12.12 -17.41
N TYR A 171 -8.75 -12.61 -16.18
CA TYR A 171 -8.93 -11.77 -15.00
C TYR A 171 -10.22 -10.97 -15.00
N GLY A 172 -11.33 -11.65 -15.24
CA GLY A 172 -12.63 -10.97 -15.26
C GLY A 172 -13.02 -10.45 -16.64
N LYS A 173 -12.00 -10.18 -17.45
CA LYS A 173 -12.19 -9.69 -18.80
C LYS A 173 -11.88 -10.86 -19.76
N ALA A 174 -11.58 -10.53 -21.01
CA ALA A 174 -11.28 -11.55 -22.01
C ALA A 174 -10.48 -10.99 -23.17
N ILE A 175 -9.47 -11.73 -23.58
CA ILE A 175 -8.61 -11.36 -24.68
C ILE A 175 -9.14 -12.00 -25.96
N PRO A 176 -9.54 -11.18 -26.94
CA PRO A 176 -10.04 -11.77 -28.17
C PRO A 176 -8.86 -12.26 -29.00
N LEU A 177 -9.06 -13.36 -29.70
CA LEU A 177 -8.04 -13.96 -30.56
C LEU A 177 -7.44 -13.05 -31.63
N GLU A 178 -8.25 -12.17 -32.20
CA GLU A 178 -7.80 -11.25 -33.24
C GLU A 178 -6.76 -10.21 -32.81
N VAL A 179 -6.56 -10.04 -31.50
CA VAL A 179 -5.59 -9.08 -31.01
C VAL A 179 -4.20 -9.70 -30.79
N ILE A 180 -4.18 -10.98 -30.43
CA ILE A 180 -2.91 -11.61 -30.19
C ILE A 180 -2.41 -12.63 -31.22
N LYS A 181 -3.32 -13.35 -31.87
CA LYS A 181 -2.85 -14.33 -32.84
C LYS A 181 -2.37 -13.62 -34.10
N GLY A 182 -1.06 -13.71 -34.31
CA GLY A 182 -0.42 -13.06 -35.41
C GLY A 182 0.44 -11.97 -34.78
N GLY A 183 1.71 -12.30 -34.53
CA GLY A 183 2.60 -11.32 -33.97
C GLY A 183 3.13 -11.66 -32.60
N ARG A 184 4.06 -10.84 -32.15
CA ARG A 184 4.69 -11.01 -30.86
C ARG A 184 4.00 -10.13 -29.83
N HIS A 185 3.52 -10.74 -28.77
CA HIS A 185 2.83 -10.03 -27.70
C HIS A 185 3.28 -10.58 -26.34
N LEU A 186 3.28 -9.71 -25.33
CA LEU A 186 3.66 -10.10 -23.98
C LEU A 186 2.44 -9.94 -23.05
N ILE A 187 2.09 -10.99 -22.33
CA ILE A 187 0.94 -10.96 -21.43
C ILE A 187 1.44 -11.19 -20.02
N PHE A 188 1.25 -10.19 -19.16
CA PHE A 188 1.67 -10.29 -17.77
C PHE A 188 0.60 -10.86 -16.88
N CYS A 189 1.00 -11.89 -16.14
CA CYS A 189 0.18 -12.59 -15.19
C CYS A 189 0.89 -12.48 -13.82
N HIS A 190 0.11 -12.35 -12.76
CA HIS A 190 0.67 -12.19 -11.44
C HIS A 190 1.41 -13.42 -10.92
N SER A 191 1.12 -14.59 -11.47
CA SER A 191 1.76 -15.80 -10.96
C SER A 191 2.17 -16.89 -11.95
N LYS A 192 2.92 -17.85 -11.42
CA LYS A 192 3.42 -19.00 -12.17
C LYS A 192 2.28 -19.78 -12.78
N LYS A 193 1.33 -20.20 -11.94
CA LYS A 193 0.18 -20.97 -12.39
C LYS A 193 -0.50 -20.27 -13.54
N LYS A 194 -1.00 -19.06 -13.30
CA LYS A 194 -1.66 -18.32 -14.34
C LYS A 194 -0.84 -18.30 -15.62
N CYS A 195 0.46 -18.13 -15.51
CA CYS A 195 1.31 -18.11 -16.71
C CYS A 195 1.13 -19.42 -17.50
N ASP A 196 1.21 -20.54 -16.78
CA ASP A 196 1.06 -21.88 -17.35
C ASP A 196 -0.34 -22.12 -17.93
N GLU A 197 -1.35 -22.00 -17.07
CA GLU A 197 -2.74 -22.20 -17.45
C GLU A 197 -3.13 -21.32 -18.61
N LEU A 198 -2.48 -20.18 -18.72
CA LEU A 198 -2.81 -19.25 -19.79
C LEU A 198 -2.15 -19.73 -21.08
N ALA A 199 -0.87 -20.05 -20.98
CA ALA A 199 -0.11 -20.52 -22.12
C ALA A 199 -0.82 -21.70 -22.78
N ALA A 200 -1.13 -22.71 -21.97
CA ALA A 200 -1.80 -23.93 -22.44
C ALA A 200 -3.08 -23.62 -23.20
N LYS A 201 -3.97 -22.85 -22.57
CA LYS A 201 -5.21 -22.48 -23.21
C LYS A 201 -4.94 -21.68 -24.48
N LEU A 202 -3.89 -20.88 -24.47
CA LEU A 202 -3.52 -20.08 -25.63
C LEU A 202 -3.11 -21.02 -26.76
N VAL A 203 -2.47 -22.10 -26.36
CA VAL A 203 -2.01 -23.11 -27.31
C VAL A 203 -3.22 -23.90 -27.82
N ALA A 204 -4.19 -24.14 -26.94
CA ALA A 204 -5.39 -24.87 -27.32
C ALA A 204 -6.04 -24.22 -28.54
N LEU A 205 -6.05 -22.89 -28.55
CA LEU A 205 -6.63 -22.08 -29.62
C LEU A 205 -5.69 -21.85 -30.79
N GLY A 206 -4.59 -22.60 -30.81
CA GLY A 206 -3.62 -22.52 -31.88
C GLY A 206 -2.56 -21.43 -31.84
N ILE A 207 -2.24 -20.89 -30.66
CA ILE A 207 -1.22 -19.84 -30.53
C ILE A 207 -0.03 -20.40 -29.76
N ASN A 208 1.17 -19.91 -30.05
CA ASN A 208 2.34 -20.39 -29.33
C ASN A 208 2.75 -19.44 -28.21
N ALA A 209 2.18 -19.71 -27.04
CA ALA A 209 2.43 -18.93 -25.83
C ALA A 209 3.64 -19.50 -25.09
N VAL A 210 4.44 -18.64 -24.47
CA VAL A 210 5.58 -19.13 -23.70
C VAL A 210 5.47 -18.59 -22.28
N ALA A 211 5.33 -19.51 -21.33
CA ALA A 211 5.22 -19.15 -19.92
C ALA A 211 6.62 -19.01 -19.31
N TYR A 212 6.93 -17.78 -18.88
CA TYR A 212 8.21 -17.47 -18.27
C TYR A 212 8.00 -16.96 -16.85
N TYR A 213 8.90 -17.37 -15.95
CA TYR A 213 8.85 -16.98 -14.54
C TYR A 213 10.18 -17.33 -13.86
N ARG A 214 10.22 -17.19 -12.54
CA ARG A 214 11.43 -17.45 -11.77
C ARG A 214 11.91 -18.87 -11.98
N GLY A 215 13.23 -19.01 -12.14
CA GLY A 215 13.85 -20.30 -12.33
C GLY A 215 13.59 -20.94 -13.67
N LEU A 216 12.81 -20.25 -14.49
CA LEU A 216 12.48 -20.73 -15.81
C LEU A 216 13.49 -20.09 -16.74
N ASP A 217 14.52 -20.85 -17.10
CA ASP A 217 15.57 -20.37 -18.00
C ASP A 217 14.97 -19.63 -19.19
N VAL A 218 15.63 -18.59 -19.65
CA VAL A 218 15.13 -17.80 -20.79
C VAL A 218 14.84 -18.63 -22.06
N SER A 219 13.59 -19.06 -22.20
CA SER A 219 13.14 -19.89 -23.32
C SER A 219 12.33 -19.10 -24.37
N VAL A 220 12.22 -17.80 -24.16
CA VAL A 220 11.46 -16.96 -25.09
C VAL A 220 12.22 -16.89 -26.42
N ILE A 221 11.49 -16.86 -27.53
CA ILE A 221 12.14 -16.80 -28.83
C ILE A 221 12.52 -15.36 -29.20
N PRO A 222 13.79 -15.12 -29.57
CA PRO A 222 14.30 -13.80 -29.96
C PRO A 222 13.81 -13.43 -31.35
N THR A 223 13.82 -14.42 -32.23
CA THR A 223 13.38 -14.22 -33.61
C THR A 223 12.02 -13.55 -33.58
N ASN A 224 11.90 -12.48 -34.35
CA ASN A 224 10.68 -11.70 -34.43
C ASN A 224 9.53 -12.37 -35.16
N GLY A 225 9.24 -13.63 -34.82
CA GLY A 225 8.16 -14.35 -35.44
C GLY A 225 6.88 -14.11 -34.67
N ASP A 226 5.94 -15.05 -34.73
CA ASP A 226 4.71 -14.91 -33.99
C ASP A 226 4.92 -15.66 -32.68
N VAL A 227 4.44 -15.07 -31.59
CA VAL A 227 4.56 -15.67 -30.26
C VAL A 227 3.89 -14.74 -29.29
N VAL A 228 3.37 -15.31 -28.21
CA VAL A 228 2.77 -14.52 -27.17
C VAL A 228 3.44 -15.07 -25.93
N VAL A 229 4.14 -14.21 -25.20
CA VAL A 229 4.84 -14.64 -24.01
C VAL A 229 4.05 -14.23 -22.77
N VAL A 230 3.55 -15.21 -22.03
CA VAL A 230 2.79 -14.93 -20.83
C VAL A 230 3.75 -15.13 -19.65
N SER A 231 4.00 -14.07 -18.91
CA SER A 231 4.96 -14.18 -17.81
C SER A 231 4.78 -13.26 -16.60
N THR A 232 5.58 -13.54 -15.58
CA THR A 232 5.60 -12.71 -14.40
C THR A 232 6.58 -11.60 -14.76
N ASP A 233 6.82 -10.66 -13.84
CA ASP A 233 7.75 -9.56 -14.10
C ASP A 233 9.21 -10.04 -14.09
N ALA A 234 9.39 -11.29 -13.66
CA ALA A 234 10.69 -11.97 -13.58
C ALA A 234 11.41 -11.89 -14.93
N LEU A 235 10.66 -11.52 -15.96
CA LEU A 235 11.22 -11.33 -17.28
C LEU A 235 11.83 -9.95 -17.11
N MET A 236 13.11 -9.90 -16.79
CA MET A 236 13.73 -8.60 -16.59
C MET A 236 13.82 -7.82 -17.91
N THR A 237 13.86 -6.49 -17.80
CA THR A 237 13.96 -5.65 -18.99
C THR A 237 15.39 -5.59 -19.50
N GLY A 238 15.60 -4.86 -20.58
CA GLY A 238 16.93 -4.73 -21.14
C GLY A 238 16.92 -5.18 -22.58
N PHE A 239 16.47 -6.41 -22.80
CA PHE A 239 16.38 -6.97 -24.14
C PHE A 239 14.95 -6.83 -24.63
N THR A 240 14.03 -6.87 -23.68
CA THR A 240 12.60 -6.75 -23.94
C THR A 240 12.34 -5.59 -24.92
N GLY A 241 11.45 -5.79 -25.89
CA GLY A 241 11.18 -4.72 -26.83
C GLY A 241 10.29 -5.02 -28.04
N ASP A 242 10.59 -6.10 -28.75
CA ASP A 242 9.82 -6.46 -29.96
C ASP A 242 8.57 -7.27 -29.66
N PHE A 243 7.53 -6.56 -29.26
CA PHE A 243 6.23 -7.13 -28.95
C PHE A 243 5.35 -6.06 -29.52
N ASP A 244 4.36 -6.47 -30.32
CA ASP A 244 3.44 -5.52 -30.92
C ASP A 244 2.53 -4.90 -29.85
N SER A 245 2.40 -5.60 -28.72
CA SER A 245 1.58 -5.12 -27.61
C SER A 245 1.79 -5.93 -26.33
N VAL A 246 1.23 -5.42 -25.25
CA VAL A 246 1.26 -6.10 -23.96
C VAL A 246 -0.15 -6.10 -23.38
N ILE A 247 -0.51 -7.21 -22.75
CA ILE A 247 -1.80 -7.38 -22.11
C ILE A 247 -1.48 -7.54 -20.61
N ASP A 248 -1.99 -6.62 -19.83
CA ASP A 248 -1.72 -6.55 -18.40
C ASP A 248 -2.84 -7.00 -17.48
N CYS A 249 -2.53 -7.90 -16.56
CA CYS A 249 -3.51 -8.35 -15.57
C CYS A 249 -3.69 -7.26 -14.49
N ASN A 250 -2.76 -6.30 -14.48
CA ASN A 250 -2.74 -5.15 -13.58
C ASN A 250 -2.62 -5.44 -12.10
N THR A 251 -2.04 -6.59 -11.77
CA THR A 251 -1.82 -6.97 -10.38
C THR A 251 -0.43 -7.54 -10.21
N CYS A 252 0.00 -7.67 -8.96
CA CYS A 252 1.29 -8.24 -8.65
C CYS A 252 1.33 -8.81 -7.25
N VAL A 253 2.23 -9.74 -7.01
CA VAL A 253 2.40 -10.37 -5.71
C VAL A 253 3.49 -9.65 -4.92
N THR A 254 3.18 -9.27 -3.69
CA THR A 254 4.12 -8.53 -2.87
C THR A 254 4.38 -9.16 -1.50
N GLN A 255 5.60 -9.02 -1.01
CA GLN A 255 5.96 -9.56 0.29
C GLN A 255 5.41 -8.61 1.32
N THR A 256 4.71 -9.15 2.30
CA THR A 256 4.09 -8.34 3.33
C THR A 256 4.39 -8.98 4.65
N VAL A 257 4.59 -8.18 5.66
CA VAL A 257 4.75 -8.73 7.01
C VAL A 257 3.41 -8.70 7.76
N ASP A 258 3.21 -9.75 8.54
CA ASP A 258 1.98 -9.90 9.33
C ASP A 258 2.32 -10.14 10.80
N PHE A 259 1.91 -9.19 11.59
CA PHE A 259 2.06 -9.23 13.05
C PHE A 259 0.86 -10.01 13.60
N SER A 260 0.74 -11.22 13.05
CA SER A 260 -0.36 -12.18 13.31
C SER A 260 -0.44 -12.62 14.77
N LEU A 261 0.69 -12.63 15.40
CA LEU A 261 0.80 -13.01 16.82
C LEU A 261 0.66 -14.55 16.97
N ASP A 262 0.92 -15.26 15.87
CA ASP A 262 1.02 -16.73 15.93
C ASP A 262 1.96 -16.89 17.10
N PRO A 263 3.20 -17.39 17.04
CA PRO A 263 4.05 -17.15 18.18
C PRO A 263 4.22 -15.64 18.22
N THR A 264 4.72 -15.12 17.09
CA THR A 264 4.96 -13.68 16.84
C THR A 264 4.30 -13.24 15.54
N PHE A 265 5.47 -12.79 14.22
CA PHE A 265 5.17 -12.18 12.92
C PHE A 265 5.28 -13.23 11.81
N THR A 266 4.75 -12.90 10.63
CA THR A 266 4.78 -13.81 9.49
C THR A 266 5.22 -13.08 8.23
N ILE A 267 6.21 -13.59 7.53
CA ILE A 267 6.56 -12.94 6.28
C ILE A 267 5.74 -13.75 5.26
N GLU A 268 4.88 -13.08 4.49
CA GLU A 268 4.06 -13.75 3.50
C GLU A 268 3.90 -12.86 2.29
N THR A 269 2.91 -13.14 1.46
CA THR A 269 2.66 -12.28 0.28
C THR A 269 1.19 -11.94 0.18
N THR A 270 0.90 -10.97 -0.67
CA THR A 270 -0.45 -10.51 -0.91
C THR A 270 -0.42 -10.14 -2.35
N THR A 271 -1.53 -10.34 -3.05
CA THR A 271 -1.57 -9.96 -4.46
C THR A 271 -2.45 -8.72 -4.48
N LEU A 272 -1.86 -7.62 -4.94
CA LEU A 272 -2.51 -6.33 -4.90
C LEU A 272 -2.51 -5.68 -6.27
N PRO A 273 -3.25 -4.57 -6.39
CA PRO A 273 -3.31 -3.83 -7.65
C PRO A 273 -1.90 -3.29 -7.83
N GLN A 274 -1.45 -3.21 -9.06
CA GLN A 274 -0.12 -2.73 -9.32
C GLN A 274 0.01 -1.25 -9.03
N ASP A 275 1.25 -0.80 -8.81
CA ASP A 275 1.48 0.60 -8.61
C ASP A 275 1.89 1.19 -9.96
N ALA A 276 2.21 2.48 -9.97
CA ALA A 276 2.61 3.19 -11.17
C ALA A 276 3.87 2.69 -11.87
N VAL A 277 4.93 2.37 -11.14
CA VAL A 277 6.13 1.91 -11.83
C VAL A 277 5.92 0.55 -12.47
N SER A 278 5.10 -0.30 -11.84
CA SER A 278 4.85 -1.63 -12.39
C SER A 278 4.11 -1.51 -13.70
N ARG A 279 3.09 -0.65 -13.73
CA ARG A 279 2.32 -0.48 -14.94
C ARG A 279 3.19 0.11 -16.02
N THR A 280 3.88 1.20 -15.72
CA THR A 280 4.73 1.87 -16.70
C THR A 280 5.75 0.89 -17.25
N GLN A 281 6.33 0.10 -16.36
CA GLN A 281 7.31 -0.91 -16.73
C GLN A 281 6.68 -2.03 -17.61
N ARG A 282 5.47 -2.46 -17.27
CA ARG A 282 4.81 -3.49 -18.06
C ARG A 282 4.40 -2.87 -19.40
N ARG A 283 3.64 -1.79 -19.34
CA ARG A 283 3.22 -1.07 -20.53
C ARG A 283 4.38 -0.82 -21.48
N GLY A 284 5.47 -0.31 -20.94
CA GLY A 284 6.65 0.05 -21.71
C GLY A 284 7.39 -0.99 -22.53
N ARG A 285 7.08 -2.28 -22.35
CA ARG A 285 7.77 -3.34 -23.10
C ARG A 285 7.29 -3.48 -24.56
N THR A 286 6.56 -2.47 -25.01
CA THR A 286 6.02 -2.40 -26.35
C THR A 286 6.20 -0.93 -26.68
N GLY A 287 6.21 -0.59 -27.96
CA GLY A 287 6.37 0.81 -28.36
C GLY A 287 7.83 1.21 -28.30
N ARG A 288 8.73 0.26 -28.60
CA ARG A 288 10.17 0.50 -28.60
C ARG A 288 10.63 0.91 -30.01
N GLY A 289 10.10 2.03 -30.50
CA GLY A 289 10.44 2.51 -31.84
C GLY A 289 9.21 2.50 -32.73
N LYS A 290 8.60 1.32 -32.86
CA LYS A 290 7.39 1.14 -33.63
C LYS A 290 6.27 1.32 -32.62
N PRO A 291 5.17 1.97 -33.00
CA PRO A 291 4.12 2.12 -31.99
C PRO A 291 3.52 0.75 -31.65
N GLY A 292 3.27 0.57 -30.35
CA GLY A 292 2.67 -0.65 -29.86
C GLY A 292 1.34 -0.37 -29.16
N ILE A 293 0.74 -1.42 -28.61
CA ILE A 293 -0.54 -1.28 -27.91
C ILE A 293 -0.45 -1.85 -26.50
N TYR A 294 -1.26 -1.28 -25.59
CA TYR A 294 -1.33 -1.73 -24.21
C TYR A 294 -2.80 -1.97 -23.87
N ARG A 295 -3.11 -3.25 -23.63
CA ARG A 295 -4.46 -3.72 -23.27
C ARG A 295 -4.47 -4.07 -21.78
N PHE A 296 -5.45 -3.55 -21.06
CA PHE A 296 -5.55 -3.75 -19.61
C PHE A 296 -6.86 -4.24 -19.06
N VAL A 297 -6.75 -4.98 -17.96
CA VAL A 297 -7.90 -5.50 -17.24
C VAL A 297 -8.50 -4.38 -16.35
N ALA A 298 -7.67 -3.55 -15.72
CA ALA A 298 -8.14 -2.45 -14.85
C ALA A 298 -7.55 -1.12 -15.26
N PRO A 299 -8.35 -0.05 -15.27
CA PRO A 299 -7.78 1.24 -15.67
C PRO A 299 -6.91 1.84 -14.57
N GLY A 300 -6.94 1.23 -13.38
CA GLY A 300 -6.17 1.75 -12.27
C GLY A 300 -4.92 1.05 -11.76
N GLU A 301 -4.31 1.70 -10.79
CA GLU A 301 -3.07 1.26 -10.15
C GLU A 301 -3.02 2.02 -8.84
N ARG A 302 -1.86 2.01 -8.19
CA ARG A 302 -1.64 2.76 -6.96
C ARG A 302 -0.40 3.60 -7.28
N PRO A 303 -0.30 4.83 -6.76
CA PRO A 303 0.91 5.58 -7.11
C PRO A 303 2.15 4.96 -6.48
N SER A 304 3.31 5.35 -6.99
CA SER A 304 4.59 4.82 -6.52
C SER A 304 4.98 5.47 -5.20
N GLY A 305 6.00 4.93 -4.52
CA GLY A 305 6.49 5.48 -3.27
C GLY A 305 5.97 4.98 -1.92
N MET A 306 5.75 3.69 -1.78
CA MET A 306 5.27 3.11 -0.53
C MET A 306 5.74 1.67 -0.52
N PHE A 307 6.51 1.29 0.49
CA PHE A 307 6.98 -0.07 0.58
C PHE A 307 6.60 -0.74 1.91
N ASP A 308 6.77 -2.05 2.00
CA ASP A 308 6.37 -2.78 3.19
C ASP A 308 7.43 -2.96 4.27
N SER A 309 6.95 -2.96 5.53
CA SER A 309 7.81 -3.11 6.70
C SER A 309 8.75 -4.29 6.57
N SER A 310 8.29 -5.32 5.87
CA SER A 310 9.07 -6.54 5.66
C SER A 310 10.37 -6.21 4.98
N VAL A 311 10.37 -5.17 4.15
CA VAL A 311 11.58 -4.75 3.46
C VAL A 311 12.61 -4.23 4.50
N LEU A 312 12.14 -3.57 5.57
CA LEU A 312 13.04 -3.09 6.66
C LEU A 312 13.65 -4.32 7.34
N CYS A 313 12.81 -5.30 7.61
CA CYS A 313 13.23 -6.54 8.20
C CYS A 313 14.32 -7.12 7.34
N GLU A 314 14.19 -6.92 6.03
CA GLU A 314 15.16 -7.43 5.06
C GLU A 314 16.45 -6.67 5.13
N CYS A 315 16.37 -5.34 5.33
CA CYS A 315 17.56 -4.50 5.43
C CYS A 315 18.38 -4.93 6.62
N TYR A 316 17.70 -5.26 7.73
CA TYR A 316 18.34 -5.72 8.95
C TYR A 316 18.89 -7.11 8.73
N ASP A 317 18.15 -7.94 7.99
CA ASP A 317 18.65 -9.27 7.72
C ASP A 317 19.92 -9.19 6.86
N ALA A 318 19.98 -8.22 5.96
CA ALA A 318 21.14 -8.04 5.09
C ALA A 318 22.35 -7.50 5.85
N GLY A 319 22.09 -6.53 6.73
CA GLY A 319 23.13 -5.92 7.54
C GLY A 319 23.90 -6.97 8.32
N CYS A 320 23.18 -7.84 8.99
CA CYS A 320 23.79 -8.90 9.80
C CYS A 320 24.48 -10.01 8.99
N ALA A 321 23.78 -10.50 7.97
CA ALA A 321 24.27 -11.60 7.13
C ALA A 321 25.35 -11.25 6.15
N TRP A 322 25.16 -10.19 5.37
CA TRP A 322 26.12 -9.79 4.36
C TRP A 322 27.02 -8.60 4.65
N TYR A 323 26.58 -7.66 5.50
CA TYR A 323 27.38 -6.47 5.69
C TYR A 323 28.03 -6.21 7.03
N GLU A 324 27.96 -7.16 7.95
CA GLU A 324 28.57 -6.99 9.25
C GLU A 324 28.07 -5.73 9.96
N LEU A 325 26.78 -5.38 9.82
CA LEU A 325 26.29 -4.18 10.49
C LEU A 325 25.52 -4.53 11.72
N MET A 326 25.92 -3.98 12.85
CA MET A 326 25.18 -4.22 14.08
C MET A 326 23.82 -3.60 13.78
N PRO A 327 22.72 -4.17 14.31
CA PRO A 327 21.39 -3.60 14.06
C PRO A 327 21.33 -2.10 14.23
N ALA A 328 22.09 -1.60 15.20
CA ALA A 328 22.14 -0.19 15.47
C ALA A 328 22.80 0.61 14.35
N GLU A 329 23.83 0.07 13.68
CA GLU A 329 24.45 0.80 12.58
C GLU A 329 23.42 0.82 11.45
N THR A 330 22.73 -0.29 11.25
CA THR A 330 21.69 -0.36 10.21
C THR A 330 20.62 0.71 10.45
N THR A 331 20.19 0.90 11.71
CA THR A 331 19.18 1.90 12.03
C THR A 331 19.65 3.31 11.76
N VAL A 332 20.96 3.51 11.77
CA VAL A 332 21.51 4.82 11.51
C VAL A 332 21.27 5.14 10.04
N ARG A 333 21.62 4.17 9.21
CA ARG A 333 21.50 4.28 7.77
C ARG A 333 20.06 4.41 7.29
N LEU A 334 19.19 3.57 7.81
CA LEU A 334 17.78 3.55 7.44
C LEU A 334 17.04 4.77 7.95
N ARG A 335 17.54 5.35 9.03
CA ARG A 335 16.92 6.52 9.62
C ARG A 335 17.20 7.73 8.73
N ALA A 336 18.38 7.78 8.14
CA ALA A 336 18.75 8.87 7.24
C ALA A 336 17.86 8.79 5.97
N TYR A 337 17.56 7.57 5.57
CA TYR A 337 16.70 7.32 4.42
C TYR A 337 15.31 7.85 4.80
N MET A 338 14.81 7.48 5.97
CA MET A 338 13.51 7.96 6.40
C MET A 338 13.48 9.41 6.82
N ASN A 339 14.64 10.05 6.93
CA ASN A 339 14.65 11.45 7.32
C ASN A 339 14.76 12.33 6.08
N THR A 340 15.30 11.76 5.01
CA THR A 340 15.46 12.46 3.73
C THR A 340 14.15 12.46 2.92
N PRO A 341 13.64 13.66 2.63
CA PRO A 341 12.39 13.79 1.89
C PRO A 341 12.43 13.41 0.39
N GLY A 342 11.26 13.07 -0.15
CA GLY A 342 11.14 12.72 -1.55
C GLY A 342 11.63 11.34 -1.92
N LEU A 343 11.41 10.37 -1.04
CA LEU A 343 11.81 8.98 -1.26
C LEU A 343 10.64 8.09 -0.85
N PRO A 344 10.65 6.82 -1.30
CA PRO A 344 9.58 5.90 -0.93
C PRO A 344 9.37 5.91 0.59
N VAL A 345 8.11 5.77 0.99
CA VAL A 345 7.69 5.78 2.37
C VAL A 345 7.27 4.39 2.86
N CYS A 346 7.47 4.13 4.15
CA CYS A 346 7.10 2.87 4.78
C CYS A 346 6.79 3.14 6.25
N GLN A 347 5.94 2.33 6.89
CA GLN A 347 5.63 2.54 8.31
C GLN A 347 6.94 2.45 9.13
N ASP A 348 7.15 3.39 10.05
CA ASP A 348 8.37 3.41 10.87
C ASP A 348 8.49 2.25 11.86
N HIS A 349 9.26 1.24 11.50
CA HIS A 349 9.42 0.07 12.34
C HIS A 349 10.86 -0.20 12.68
N LEU A 350 11.70 0.81 12.55
CA LEU A 350 13.12 0.67 12.85
C LEU A 350 13.42 0.14 14.25
N GLU A 351 12.78 0.72 15.27
CA GLU A 351 13.00 0.26 16.64
C GLU A 351 12.64 -1.19 16.81
N PHE A 352 11.51 -1.60 16.23
CA PHE A 352 11.08 -2.99 16.32
C PHE A 352 12.10 -3.93 15.66
N TRP A 353 12.40 -3.69 14.39
CA TRP A 353 13.29 -4.58 13.69
C TRP A 353 14.65 -4.61 14.30
N GLU A 354 15.17 -3.43 14.60
CA GLU A 354 16.47 -3.35 15.24
C GLU A 354 16.37 -4.14 16.54
N GLY A 355 15.25 -3.94 17.24
CA GLY A 355 15.03 -4.62 18.51
C GLY A 355 15.05 -6.11 18.37
N VAL A 356 14.30 -6.70 17.43
CA VAL A 356 14.32 -8.15 17.34
C VAL A 356 15.69 -8.71 16.92
N PHE A 357 16.34 -8.11 15.93
CA PHE A 357 17.64 -8.62 15.49
C PHE A 357 18.75 -8.56 16.55
N THR A 358 18.70 -7.59 17.46
CA THR A 358 19.72 -7.48 18.49
C THR A 358 19.63 -8.65 19.45
N GLY A 359 18.43 -9.17 19.67
CA GLY A 359 18.27 -10.28 20.58
C GLY A 359 18.62 -11.63 19.99
N LEU A 360 18.83 -11.65 18.68
CA LEU A 360 19.18 -12.87 17.97
C LEU A 360 20.70 -13.01 18.09
N THR A 361 21.17 -13.34 19.30
CA THR A 361 22.61 -13.47 19.59
C THR A 361 23.17 -14.87 19.37
N HIS A 362 24.47 -14.96 19.07
CA HIS A 362 25.10 -16.26 18.86
C HIS A 362 24.50 -17.16 17.74
N ILE A 363 24.33 -16.65 16.52
CA ILE A 363 23.79 -17.45 15.41
C ILE A 363 24.83 -18.52 15.09
N ASP A 364 24.44 -19.62 14.47
CA ASP A 364 25.41 -20.65 14.12
C ASP A 364 26.07 -20.25 12.83
N ALA A 365 27.38 -20.05 12.86
CA ALA A 365 28.15 -19.62 11.71
C ALA A 365 28.00 -20.42 10.43
N HIS A 366 28.06 -21.75 10.54
CA HIS A 366 27.91 -22.58 9.35
C HIS A 366 26.51 -22.47 8.77
N PHE A 367 25.50 -22.57 9.62
CA PHE A 367 24.15 -22.45 9.14
C PHE A 367 24.04 -21.13 8.39
N LEU A 368 24.59 -20.06 8.92
CA LEU A 368 24.53 -18.77 8.23
C LEU A 368 25.20 -18.77 6.85
N SER A 369 26.34 -19.45 6.70
CA SER A 369 27.03 -19.51 5.40
C SER A 369 26.11 -20.22 4.40
N GLN A 370 25.55 -21.32 4.86
CA GLN A 370 24.66 -22.14 4.06
C GLN A 370 23.46 -21.34 3.56
N THR A 371 22.70 -20.74 4.47
CA THR A 371 21.53 -19.95 4.07
C THR A 371 21.89 -18.76 3.17
N LYS A 372 23.11 -18.23 3.29
CA LYS A 372 23.51 -17.11 2.43
C LYS A 372 23.76 -17.60 1.03
N GLN A 373 24.60 -18.64 0.89
CA GLN A 373 24.93 -19.20 -0.42
C GLN A 373 23.65 -19.68 -1.09
N SER A 374 22.78 -20.29 -0.30
CA SER A 374 21.53 -20.78 -0.84
C SER A 374 20.62 -19.68 -1.38
N GLY A 375 21.03 -18.42 -1.27
CA GLY A 375 20.20 -17.34 -1.76
C GLY A 375 18.79 -17.25 -1.17
N GLU A 376 18.65 -17.50 0.14
CA GLU A 376 17.34 -17.41 0.83
C GLU A 376 16.97 -15.94 0.94
N ASN A 377 15.69 -15.65 1.19
CA ASN A 377 15.20 -14.26 1.33
C ASN A 377 15.70 -13.68 2.66
N PHE A 378 15.72 -14.55 3.67
CA PHE A 378 16.13 -14.17 5.01
C PHE A 378 17.11 -15.18 5.57
N PRO A 379 18.33 -15.22 5.02
CA PRO A 379 19.38 -16.13 5.43
C PRO A 379 19.59 -16.02 6.93
N TYR A 380 19.57 -14.79 7.47
CA TYR A 380 19.76 -14.59 8.91
C TYR A 380 18.58 -15.16 9.71
N LEU A 381 17.35 -14.73 9.45
CA LEU A 381 16.20 -15.31 10.17
C LEU A 381 16.07 -16.83 9.97
N VAL A 382 16.49 -17.33 8.82
CA VAL A 382 16.40 -18.76 8.58
C VAL A 382 17.44 -19.51 9.42
N ALA A 383 18.72 -19.14 9.26
CA ALA A 383 19.82 -19.77 10.02
C ALA A 383 19.67 -19.58 11.53
N TYR A 384 19.00 -18.51 11.94
CA TYR A 384 18.79 -18.28 13.37
C TYR A 384 17.72 -19.23 13.92
N GLN A 385 16.66 -19.48 13.14
CA GLN A 385 15.62 -20.42 13.57
C GLN A 385 16.23 -21.80 13.63
N ALA A 386 17.11 -22.10 12.67
CA ALA A 386 17.84 -23.36 12.59
C ALA A 386 18.76 -23.50 13.82
N THR A 387 19.40 -22.39 14.17
CA THR A 387 20.30 -22.34 15.32
C THR A 387 19.54 -22.67 16.62
N VAL A 388 18.38 -22.06 16.84
CA VAL A 388 17.66 -22.38 18.07
C VAL A 388 17.12 -23.81 18.08
N CYS A 389 16.70 -24.29 16.91
CA CYS A 389 16.17 -25.64 16.76
C CYS A 389 17.26 -26.64 17.15
N ALA A 390 18.43 -26.52 16.53
CA ALA A 390 19.56 -27.40 16.84
C ALA A 390 19.93 -27.40 18.31
N ARG A 391 20.02 -26.21 18.92
CA ARG A 391 20.38 -26.12 20.33
C ARG A 391 19.35 -26.81 21.22
N ALA A 392 18.11 -26.93 20.75
CA ALA A 392 17.08 -27.61 21.53
C ALA A 392 16.93 -29.07 21.08
N GLN A 393 17.60 -29.41 19.99
CA GLN A 393 17.53 -30.74 19.40
C GLN A 393 16.11 -30.93 18.91
N ALA A 394 15.55 -29.89 18.30
CA ALA A 394 14.20 -29.91 17.77
C ALA A 394 14.31 -29.68 16.27
N PRO A 395 13.28 -30.10 15.52
CA PRO A 395 13.26 -29.96 14.06
C PRO A 395 12.81 -28.62 13.54
N PRO A 396 13.22 -28.26 12.30
CA PRO A 396 12.82 -27.00 11.69
C PRO A 396 11.30 -26.95 11.61
N PRO A 397 10.71 -25.77 11.34
CA PRO A 397 9.24 -25.72 11.26
C PRO A 397 8.61 -26.50 10.12
N SER A 398 9.43 -26.89 9.15
CA SER A 398 8.97 -27.68 8.03
C SER A 398 10.27 -28.22 7.48
N TRP A 399 10.20 -29.20 6.59
CA TRP A 399 11.44 -29.72 6.04
C TRP A 399 11.64 -29.23 4.62
N ASP A 400 11.00 -28.11 4.30
CA ASP A 400 11.12 -27.50 2.99
C ASP A 400 12.58 -27.08 2.73
N GLN A 401 12.88 -26.78 1.47
CA GLN A 401 14.19 -26.35 0.99
C GLN A 401 14.87 -25.39 1.97
N MET A 402 14.07 -24.47 2.50
CA MET A 402 14.48 -23.44 3.46
C MET A 402 15.34 -23.94 4.63
N TRP A 403 14.91 -25.05 5.22
CA TRP A 403 15.55 -25.64 6.38
C TRP A 403 16.49 -26.76 6.05
N LYS A 404 17.10 -26.65 4.89
CA LYS A 404 18.03 -27.64 4.36
C LYS A 404 19.25 -27.80 5.26
N CYS A 405 19.81 -26.69 5.74
CA CYS A 405 21.01 -26.71 6.60
C CYS A 405 20.88 -27.58 7.86
N LEU A 406 19.65 -27.94 8.21
CA LEU A 406 19.43 -28.76 9.38
C LEU A 406 19.28 -30.22 8.96
N ILE A 407 19.64 -30.53 7.71
CA ILE A 407 19.49 -31.89 7.25
C ILE A 407 20.40 -32.83 8.00
N ARG A 408 19.72 -33.49 8.92
CA ARG A 408 20.23 -34.47 9.86
C ARG A 408 19.07 -34.50 10.88
N LEU A 409 17.89 -34.74 10.31
CA LEU A 409 16.61 -34.84 11.02
C LEU A 409 16.68 -35.91 12.11
N LYS A 410 17.73 -36.74 12.03
CA LYS A 410 17.91 -37.82 12.97
C LYS A 410 17.91 -37.45 14.46
N PRO A 411 18.98 -36.39 14.81
CA PRO A 411 18.88 -36.21 16.24
C PRO A 411 17.77 -35.26 16.56
N THR A 412 17.65 -34.27 15.69
CA THR A 412 16.64 -33.22 15.78
C THR A 412 15.25 -33.80 15.60
N LEU A 413 15.04 -34.92 16.27
CA LEU A 413 13.76 -35.63 16.19
C LEU A 413 12.74 -35.01 17.15
N HIS A 414 13.12 -34.87 18.41
CA HIS A 414 12.19 -34.32 19.43
C HIS A 414 11.38 -33.18 18.81
N GLY A 415 10.13 -33.56 18.69
CA GLY A 415 9.01 -32.83 18.08
C GLY A 415 9.04 -31.29 18.14
N PRO A 416 8.45 -30.70 19.19
CA PRO A 416 8.18 -29.26 19.25
C PRO A 416 9.44 -28.50 19.02
N THR A 417 8.87 -27.67 17.65
CA THR A 417 9.90 -26.71 17.30
C THR A 417 9.64 -25.36 17.97
N PRO A 418 10.68 -24.76 18.56
CA PRO A 418 10.53 -23.46 19.22
C PRO A 418 10.48 -22.41 18.11
N LEU A 419 9.25 -22.10 17.70
CA LEU A 419 8.95 -21.15 16.63
C LEU A 419 9.17 -19.75 17.15
N LEU A 420 9.93 -18.97 16.41
CA LEU A 420 10.27 -17.60 16.77
C LEU A 420 9.48 -16.61 15.93
N TYR A 421 9.05 -17.08 14.76
CA TYR A 421 8.31 -16.30 13.75
C TYR A 421 8.04 -17.29 12.59
N ARG A 422 7.30 -16.86 11.58
CA ARG A 422 6.97 -17.76 10.48
C ARG A 422 7.44 -17.15 9.18
N LEU A 423 8.28 -17.90 8.48
CA LEU A 423 8.82 -17.43 7.21
C LEU A 423 8.22 -18.26 6.08
N GLY A 424 7.28 -19.12 6.44
CA GLY A 424 6.63 -19.95 5.44
C GLY A 424 5.63 -20.84 6.11
N ALA A 425 5.35 -21.98 5.49
CA ALA A 425 4.40 -22.93 6.06
C ALA A 425 5.09 -23.72 7.18
N VAL A 426 4.36 -23.86 8.29
CA VAL A 426 4.81 -24.57 9.47
C VAL A 426 4.09 -25.89 9.48
N GLN A 427 4.84 -26.98 9.42
CA GLN A 427 4.28 -28.32 9.37
C GLN A 427 4.43 -29.09 10.67
N ASN A 428 5.49 -28.83 11.40
CA ASN A 428 5.75 -29.55 12.63
C ASN A 428 4.96 -28.97 13.79
N GLU A 429 4.81 -29.73 14.88
CA GLU A 429 4.15 -29.16 16.06
C GLU A 429 5.16 -28.18 16.65
N VAL A 430 4.68 -27.01 17.04
CA VAL A 430 5.55 -26.00 17.57
C VAL A 430 5.30 -25.71 19.04
N THR A 431 6.24 -24.99 19.65
CA THR A 431 6.15 -24.55 21.02
C THR A 431 6.39 -23.06 20.98
N LEU A 432 5.62 -22.31 21.76
CA LEU A 432 5.70 -20.85 21.81
C LEU A 432 6.41 -20.23 23.05
N THR A 433 7.12 -21.06 23.82
CA THR A 433 7.78 -20.64 25.03
C THR A 433 9.30 -20.52 25.01
N HIS A 434 9.89 -20.30 23.85
CA HIS A 434 11.34 -20.17 23.84
C HIS A 434 11.66 -18.74 24.23
N PRO A 435 12.70 -18.54 25.04
CA PRO A 435 13.13 -17.22 25.49
C PRO A 435 13.18 -16.19 24.35
N ILE A 436 13.71 -16.60 23.20
CA ILE A 436 13.84 -15.70 22.06
C ILE A 436 12.50 -15.37 21.41
N THR A 437 11.54 -16.29 21.54
CA THR A 437 10.19 -16.09 20.98
C THR A 437 9.57 -15.01 21.84
N LYS A 438 9.69 -15.23 23.14
CA LYS A 438 9.16 -14.35 24.18
C LYS A 438 9.83 -12.99 24.15
N TYR A 439 11.10 -12.98 23.78
CA TYR A 439 11.87 -11.76 23.64
C TYR A 439 11.24 -10.96 22.49
N ILE A 440 10.95 -11.64 21.38
CA ILE A 440 10.36 -11.00 20.21
C ILE A 440 8.97 -10.44 20.51
N MET A 441 8.16 -11.18 21.28
CA MET A 441 6.83 -10.70 21.69
C MET A 441 6.96 -9.43 22.53
N THR A 442 8.02 -9.32 23.33
CA THR A 442 8.23 -8.12 24.15
C THR A 442 8.62 -7.00 23.23
N CYS A 443 9.40 -7.27 22.21
CA CYS A 443 9.77 -6.20 21.30
C CYS A 443 8.53 -5.66 20.59
N MET A 444 7.59 -6.54 20.27
CA MET A 444 6.36 -6.12 19.60
C MET A 444 5.52 -5.32 20.58
N SER A 445 5.44 -5.75 21.83
CA SER A 445 4.70 -5.02 22.84
C SER A 445 5.40 -3.67 23.05
N ALA A 446 6.74 -3.71 23.01
CA ALA A 446 7.57 -2.53 23.23
C ALA A 446 7.58 -1.52 22.11
N ASP A 447 7.43 -1.99 20.88
CA ASP A 447 7.49 -1.06 19.76
C ASP A 447 6.33 -1.16 18.80
N LEU A 448 5.43 -2.11 19.00
CA LEU A 448 4.30 -2.27 18.09
C LEU A 448 2.99 -2.14 18.84
N GLU A 449 2.17 -1.19 18.44
CA GLU A 449 0.90 -1.02 19.13
C GLU A 449 -0.23 -1.87 18.52
N VAL A 450 -0.88 -2.66 19.41
CA VAL A 450 -1.99 -3.58 19.14
C VAL A 450 -1.56 -4.96 18.64
N SER B 9 -11.44 28.25 -14.46
CA SER B 9 -11.97 27.83 -15.79
C SER B 9 -13.41 27.35 -15.61
N SER B 10 -13.76 26.23 -16.23
CA SER B 10 -15.11 25.70 -16.15
C SER B 10 -15.17 24.17 -16.20
N PRO B 11 -16.31 23.60 -15.80
CA PRO B 11 -16.49 22.14 -15.81
C PRO B 11 -16.72 21.69 -17.26
N PRO B 12 -16.55 20.39 -17.55
CA PRO B 12 -16.76 19.92 -18.93
C PRO B 12 -18.23 20.09 -19.34
N ALA B 13 -18.47 21.00 -20.29
CA ALA B 13 -19.82 21.26 -20.77
C ALA B 13 -20.52 19.96 -21.16
N VAL B 14 -21.84 19.98 -21.09
CA VAL B 14 -22.65 18.81 -21.39
C VAL B 14 -22.47 18.35 -22.85
N PRO B 15 -21.80 17.19 -23.06
CA PRO B 15 -21.51 16.60 -24.38
C PRO B 15 -22.75 16.19 -25.16
N GLN B 16 -22.53 15.73 -26.40
CA GLN B 16 -23.62 15.31 -27.27
C GLN B 16 -24.14 13.92 -26.88
N SER B 17 -23.23 13.09 -26.39
CA SER B 17 -23.61 11.76 -25.96
C SER B 17 -23.36 11.77 -24.47
N PHE B 18 -23.70 10.67 -23.81
CA PHE B 18 -23.48 10.55 -22.38
C PHE B 18 -22.05 10.15 -22.13
N GLN B 19 -21.36 10.85 -21.22
CA GLN B 19 -19.99 10.49 -20.89
C GLN B 19 -19.69 10.72 -19.40
N VAL B 20 -18.53 10.23 -19.00
CA VAL B 20 -18.08 10.40 -17.64
C VAL B 20 -16.85 11.31 -17.65
N ALA B 21 -17.06 12.55 -17.24
CA ALA B 21 -15.99 13.56 -17.19
C ALA B 21 -15.29 13.54 -15.81
N HIS B 22 -14.31 14.42 -15.61
CA HIS B 22 -13.57 14.47 -14.36
C HIS B 22 -13.29 15.89 -13.95
N LEU B 23 -14.15 16.45 -13.12
CA LEU B 23 -13.94 17.81 -12.65
C LEU B 23 -12.98 17.61 -11.51
N HIS B 24 -11.73 17.42 -11.85
CA HIS B 24 -10.72 17.23 -10.83
C HIS B 24 -10.29 18.67 -10.43
N ALA B 25 -11.25 19.40 -9.87
CA ALA B 25 -11.06 20.78 -9.46
C ALA B 25 -11.31 20.91 -7.96
N PRO B 26 -10.54 21.79 -7.30
CA PRO B 26 -10.62 22.05 -5.87
C PRO B 26 -11.67 23.08 -5.47
N THR B 27 -11.44 23.63 -4.28
CA THR B 27 -12.29 24.65 -3.69
C THR B 27 -12.30 25.88 -4.60
N GLY B 28 -11.26 25.99 -5.44
CA GLY B 28 -11.14 27.10 -6.36
C GLY B 28 -12.12 27.01 -7.53
N SER B 29 -12.96 25.97 -7.53
CA SER B 29 -13.95 25.76 -8.58
C SER B 29 -15.39 25.96 -8.07
N GLY B 30 -15.65 25.56 -6.83
CA GLY B 30 -16.97 25.69 -6.26
C GLY B 30 -17.85 24.53 -6.72
N LYS B 31 -17.31 23.31 -6.65
CA LYS B 31 -18.03 22.10 -7.06
C LYS B 31 -19.33 21.93 -6.28
N SER B 32 -19.38 22.59 -5.14
CA SER B 32 -20.57 22.57 -4.30
C SER B 32 -21.09 24.02 -4.25
N THR B 33 -21.19 24.64 -5.42
CA THR B 33 -21.69 26.02 -5.56
C THR B 33 -21.74 26.51 -6.98
N LYS B 34 -20.56 26.70 -7.57
CA LYS B 34 -20.45 27.23 -8.93
C LYS B 34 -20.46 26.24 -10.08
N VAL B 35 -19.93 25.05 -9.87
CA VAL B 35 -19.94 24.02 -10.91
C VAL B 35 -21.37 23.56 -11.15
N PRO B 36 -22.20 23.52 -10.10
CA PRO B 36 -23.59 23.08 -10.32
C PRO B 36 -24.41 24.23 -10.93
N ALA B 37 -24.31 25.40 -10.31
CA ALA B 37 -25.03 26.60 -10.76
C ALA B 37 -24.75 26.94 -12.22
N ALA B 38 -23.63 26.44 -12.74
CA ALA B 38 -23.25 26.65 -14.13
C ALA B 38 -24.18 25.83 -14.99
N TYR B 39 -24.23 24.54 -14.72
CA TYR B 39 -25.07 23.63 -15.45
C TYR B 39 -26.55 23.95 -15.30
N ALA B 40 -26.94 24.38 -14.10
CA ALA B 40 -28.34 24.73 -13.85
C ALA B 40 -28.73 25.91 -14.74
N ALA B 41 -27.79 26.85 -14.87
CA ALA B 41 -27.98 28.04 -15.68
C ALA B 41 -28.21 27.67 -17.14
N GLN B 42 -27.48 26.67 -17.62
CA GLN B 42 -27.62 26.21 -19.02
C GLN B 42 -28.96 25.46 -19.26
N GLY B 43 -29.79 25.37 -18.21
CA GLY B 43 -31.08 24.70 -18.32
C GLY B 43 -31.14 23.29 -17.78
N TYR B 44 -29.98 22.76 -17.41
CA TYR B 44 -29.86 21.40 -16.91
C TYR B 44 -30.25 21.21 -15.47
N LYS B 45 -31.01 20.16 -15.19
CA LYS B 45 -31.37 19.85 -13.81
C LYS B 45 -30.24 18.95 -13.27
N VAL B 46 -29.45 19.48 -12.33
CA VAL B 46 -28.32 18.74 -11.78
C VAL B 46 -28.51 18.15 -10.39
N LEU B 47 -27.90 16.99 -10.19
CA LEU B 47 -27.92 16.30 -8.92
C LEU B 47 -26.47 16.29 -8.53
N VAL B 48 -26.17 16.83 -7.36
CA VAL B 48 -24.82 16.89 -6.83
C VAL B 48 -24.86 15.99 -5.61
N LEU B 49 -23.91 15.04 -5.54
CA LEU B 49 -23.82 14.08 -4.43
C LEU B 49 -22.49 14.21 -3.67
N ASN B 50 -22.59 14.21 -2.35
CA ASN B 50 -21.46 14.34 -1.46
C ASN B 50 -21.64 13.40 -0.31
N PRO B 51 -20.57 13.10 0.44
CA PRO B 51 -20.72 12.20 1.58
C PRO B 51 -21.72 12.81 2.58
N SER B 52 -21.65 14.13 2.73
CA SER B 52 -22.53 14.90 3.61
C SER B 52 -22.92 16.22 2.92
N VAL B 53 -24.17 16.61 3.07
CA VAL B 53 -24.66 17.85 2.50
C VAL B 53 -24.98 18.77 3.67
N GLY B 83 -39.40 23.56 -8.20
CA GLY B 83 -38.25 24.00 -7.37
C GLY B 83 -37.17 24.53 -8.28
N SER B 84 -35.91 24.39 -7.88
CA SER B 84 -34.76 24.86 -8.67
C SER B 84 -34.06 23.62 -9.24
N PRO B 85 -33.69 23.64 -10.55
CA PRO B 85 -33.02 22.56 -11.28
C PRO B 85 -31.64 22.22 -10.75
N ILE B 86 -31.55 21.93 -9.47
CA ILE B 86 -30.29 21.65 -8.83
C ILE B 86 -30.56 21.10 -7.43
N THR B 87 -30.29 19.81 -7.28
CA THR B 87 -30.51 19.14 -6.01
C THR B 87 -29.18 18.71 -5.39
N TYR B 88 -28.99 19.06 -4.12
CA TYR B 88 -27.77 18.73 -3.41
C TYR B 88 -28.10 17.64 -2.41
N SER B 89 -27.46 16.48 -2.54
CA SER B 89 -27.70 15.38 -1.65
C SER B 89 -26.44 14.67 -1.14
N THR B 90 -26.61 13.40 -0.79
CA THR B 90 -25.60 12.53 -0.23
C THR B 90 -25.66 11.18 -0.95
N TYR B 91 -24.57 10.43 -0.97
CA TYR B 91 -24.56 9.12 -1.61
C TYR B 91 -25.50 8.15 -0.89
N GLY B 92 -25.44 8.16 0.44
CA GLY B 92 -26.30 7.30 1.23
C GLY B 92 -27.76 7.57 0.98
N LYS B 93 -28.14 8.84 0.86
CA LYS B 93 -29.53 9.18 0.57
C LYS B 93 -29.90 8.76 -0.83
N PHE B 94 -28.93 8.79 -1.75
CA PHE B 94 -29.13 8.36 -3.13
C PHE B 94 -29.41 6.83 -3.19
N LEU B 95 -28.73 6.04 -2.36
CA LEU B 95 -28.93 4.58 -2.32
C LEU B 95 -30.26 4.23 -1.68
N ALA B 96 -30.62 5.01 -0.65
CA ALA B 96 -31.87 4.86 0.10
C ALA B 96 -33.05 5.05 -0.85
N ASP B 97 -32.92 6.03 -1.74
CA ASP B 97 -33.95 6.33 -2.72
C ASP B 97 -33.90 5.33 -3.88
N GLY B 98 -32.99 4.36 -3.82
CA GLY B 98 -32.92 3.38 -4.89
C GLY B 98 -32.07 3.72 -6.09
N GLY B 99 -31.33 4.82 -6.03
CA GLY B 99 -30.48 5.18 -7.16
C GLY B 99 -31.04 6.24 -8.09
N CYS B 100 -30.73 6.09 -9.37
CA CYS B 100 -31.16 7.05 -10.38
C CYS B 100 -32.61 6.82 -10.79
N SER B 101 -33.38 7.92 -10.86
CA SER B 101 -34.77 7.86 -11.29
C SER B 101 -34.77 8.07 -12.80
N GLY B 102 -35.37 7.13 -13.54
CA GLY B 102 -35.43 7.22 -14.97
C GLY B 102 -36.01 8.55 -15.45
N GLY B 103 -35.14 9.54 -15.63
CA GLY B 103 -35.58 10.86 -16.06
C GLY B 103 -35.79 11.73 -14.84
N ALA B 104 -34.72 12.41 -14.43
CA ALA B 104 -34.82 13.29 -13.28
C ALA B 104 -33.71 14.34 -13.30
N TYR B 105 -32.55 13.96 -13.84
CA TYR B 105 -31.39 14.85 -13.93
C TYR B 105 -30.60 14.62 -15.19
N ASP B 106 -30.06 15.70 -15.74
CA ASP B 106 -29.25 15.62 -16.95
C ASP B 106 -27.79 15.57 -16.54
N ILE B 107 -27.50 16.18 -15.39
CA ILE B 107 -26.16 16.25 -14.86
C ILE B 107 -26.08 15.65 -13.46
N ILE B 108 -25.10 14.79 -13.25
CA ILE B 108 -24.90 14.23 -11.93
C ILE B 108 -23.42 14.38 -11.59
N ILE B 109 -23.14 15.15 -10.55
CA ILE B 109 -21.78 15.37 -10.11
C ILE B 109 -21.59 14.55 -8.85
N CYS B 110 -20.61 13.67 -8.88
CA CYS B 110 -20.29 12.88 -7.72
C CYS B 110 -19.11 13.64 -7.10
N ASP B 111 -19.40 14.48 -6.11
CA ASP B 111 -18.36 15.26 -5.47
C ASP B 111 -17.60 14.43 -4.43
N GLU B 112 -16.33 14.75 -4.24
CA GLU B 112 -15.48 14.03 -3.31
C GLU B 112 -15.44 12.56 -3.72
N CYS B 113 -15.19 12.35 -5.01
CA CYS B 113 -15.11 11.01 -5.60
C CYS B 113 -13.87 10.22 -5.16
N HIS B 114 -13.09 10.79 -4.24
CA HIS B 114 -11.88 10.14 -3.71
C HIS B 114 -12.26 9.46 -2.41
N SER B 115 -13.47 9.75 -1.95
CA SER B 115 -13.98 9.17 -0.73
C SER B 115 -14.08 7.67 -0.95
N THR B 116 -13.45 6.91 -0.06
CA THR B 116 -13.48 5.45 -0.18
C THR B 116 -14.21 4.79 0.97
N ASP B 117 -15.18 5.48 1.52
CA ASP B 117 -15.95 4.79 2.54
C ASP B 117 -17.00 4.04 1.71
N ALA B 118 -17.46 2.91 2.23
CA ALA B 118 -18.41 2.06 1.55
C ALA B 118 -19.53 2.79 0.81
N THR B 119 -20.35 3.56 1.53
CA THR B 119 -21.47 4.32 0.98
C THR B 119 -21.09 5.14 -0.24
N SER B 120 -19.92 5.76 -0.21
CA SER B 120 -19.45 6.55 -1.32
C SER B 120 -19.11 5.65 -2.50
N ILE B 121 -18.42 4.53 -2.26
CA ILE B 121 -18.08 3.61 -3.34
C ILE B 121 -19.37 3.03 -3.93
N LEU B 122 -20.24 2.52 -3.08
CA LEU B 122 -21.49 2.00 -3.58
C LEU B 122 -22.31 3.10 -4.30
N GLY B 123 -22.36 4.33 -3.76
CA GLY B 123 -23.12 5.40 -4.41
C GLY B 123 -22.61 5.83 -5.77
N ILE B 124 -21.29 5.89 -5.92
CA ILE B 124 -20.68 6.29 -7.18
C ILE B 124 -20.91 5.16 -8.18
N GLY B 125 -20.73 3.92 -7.78
CA GLY B 125 -20.96 2.78 -8.66
C GLY B 125 -22.38 2.68 -9.20
N THR B 126 -23.37 2.98 -8.35
CA THR B 126 -24.81 2.98 -8.69
C THR B 126 -25.09 4.08 -9.73
N VAL B 127 -24.48 5.26 -9.56
CA VAL B 127 -24.64 6.35 -10.51
C VAL B 127 -24.01 5.92 -11.83
N LEU B 128 -22.80 5.38 -11.74
CA LEU B 128 -22.07 4.96 -12.92
C LEU B 128 -22.78 3.86 -13.68
N ASP B 129 -23.58 3.10 -12.96
CA ASP B 129 -24.30 2.00 -13.53
C ASP B 129 -25.66 2.38 -14.12
N GLN B 130 -26.35 3.30 -13.46
CA GLN B 130 -27.68 3.70 -13.89
C GLN B 130 -27.79 5.04 -14.62
N ALA B 131 -26.78 5.89 -14.46
CA ALA B 131 -26.79 7.24 -15.01
C ALA B 131 -27.39 7.38 -16.39
N GLU B 132 -26.74 6.78 -17.39
CA GLU B 132 -27.20 6.88 -18.77
C GLU B 132 -28.62 6.39 -18.97
N THR B 133 -28.88 5.15 -18.56
CA THR B 133 -30.19 4.55 -18.71
C THR B 133 -31.31 5.29 -17.99
N ALA B 134 -30.95 6.09 -17.00
CA ALA B 134 -31.95 6.88 -16.29
C ALA B 134 -31.99 8.29 -16.90
N GLY B 135 -31.47 8.40 -18.14
CA GLY B 135 -31.50 9.67 -18.86
C GLY B 135 -30.42 10.72 -18.71
N ALA B 136 -29.40 10.45 -17.89
CA ALA B 136 -28.32 11.42 -17.67
C ALA B 136 -27.42 11.56 -18.90
N ARG B 137 -27.00 12.79 -19.17
CA ARG B 137 -26.12 13.06 -20.31
C ARG B 137 -24.66 13.13 -19.86
N LEU B 138 -24.42 13.76 -18.71
CA LEU B 138 -23.07 13.87 -18.16
C LEU B 138 -22.97 13.47 -16.68
N VAL B 139 -21.91 12.72 -16.37
CA VAL B 139 -21.57 12.31 -15.01
C VAL B 139 -20.17 12.90 -14.80
N VAL B 140 -20.06 13.84 -13.89
CA VAL B 140 -18.76 14.40 -13.62
C VAL B 140 -18.25 13.88 -12.26
N LEU B 141 -17.08 13.29 -12.31
CA LEU B 141 -16.43 12.76 -11.13
C LEU B 141 -15.57 13.92 -10.64
N ALA B 142 -16.09 14.59 -9.62
CA ALA B 142 -15.41 15.73 -9.03
C ALA B 142 -14.61 15.39 -7.78
N THR B 143 -13.37 15.88 -7.72
CA THR B 143 -12.50 15.65 -6.56
C THR B 143 -11.46 16.75 -6.41
N ALA B 144 -11.29 17.23 -5.20
CA ALA B 144 -10.31 18.27 -4.94
C ALA B 144 -8.93 17.68 -4.83
N THR B 145 -8.85 16.36 -4.74
CA THR B 145 -7.58 15.67 -4.62
C THR B 145 -7.55 14.39 -5.46
N PRO B 146 -7.24 14.53 -6.76
CA PRO B 146 -7.16 13.42 -7.72
C PRO B 146 -6.12 12.38 -7.32
N PRO B 147 -6.05 11.28 -8.10
CA PRO B 147 -5.07 10.22 -7.81
C PRO B 147 -3.65 10.75 -8.08
N GLY B 148 -2.75 10.52 -7.14
CA GLY B 148 -1.39 10.98 -7.31
C GLY B 148 -1.26 12.45 -6.99
N SER B 149 -2.25 12.97 -6.28
CA SER B 149 -2.27 14.36 -5.87
C SER B 149 -1.80 14.38 -4.42
N VAL B 150 -1.09 15.44 -4.02
CA VAL B 150 -0.61 15.53 -2.65
C VAL B 150 -1.10 16.77 -1.89
N THR B 151 -0.43 17.05 -0.78
CA THR B 151 -0.74 18.17 0.09
C THR B 151 -0.97 19.49 -0.67
N VAL B 152 -2.12 20.13 -0.42
CA VAL B 152 -2.51 21.39 -1.09
C VAL B 152 -1.75 22.70 -0.77
N SER B 153 -1.68 23.54 -1.79
CA SER B 153 -1.02 24.83 -1.70
C SER B 153 -1.84 25.67 -0.74
N HIS B 154 -1.35 25.86 0.48
CA HIS B 154 -2.10 26.64 1.45
C HIS B 154 -1.50 27.99 1.82
N PRO B 155 -2.09 29.08 1.28
CA PRO B 155 -1.66 30.46 1.52
C PRO B 155 -2.24 31.13 2.80
N ASN B 156 -1.90 30.60 3.97
CA ASN B 156 -2.36 31.14 5.26
C ASN B 156 -1.84 30.30 6.41
N ILE B 157 -1.79 28.98 6.23
CA ILE B 157 -1.28 28.09 7.28
C ILE B 157 0.24 28.08 7.25
N GLU B 158 0.84 28.70 8.27
CA GLU B 158 2.29 28.75 8.40
C GLU B 158 2.73 27.36 8.78
N GLU B 159 3.01 26.53 7.77
CA GLU B 159 3.43 25.14 7.99
C GLU B 159 4.92 25.02 8.34
N VAL B 160 5.22 24.29 9.39
CA VAL B 160 6.60 24.08 9.83
C VAL B 160 6.91 22.63 10.14
N ALA B 161 8.16 22.25 9.88
CA ALA B 161 8.65 20.91 10.14
C ALA B 161 8.93 20.78 11.62
N LEU B 162 8.92 19.56 12.14
CA LEU B 162 9.18 19.35 13.54
C LEU B 162 10.67 19.05 13.72
N SER B 163 11.24 19.47 14.84
CA SER B 163 12.64 19.23 15.16
C SER B 163 12.64 18.35 16.41
N THR B 164 13.73 17.61 16.65
CA THR B 164 13.80 16.73 17.82
C THR B 164 14.12 17.50 19.13
N THR B 165 13.47 18.64 19.31
CA THR B 165 13.70 19.49 20.46
C THR B 165 12.50 19.60 21.41
N GLY B 166 12.60 18.95 22.57
CA GLY B 166 11.51 19.04 23.54
C GLY B 166 11.39 17.83 24.43
N GLU B 167 10.79 17.99 25.59
CA GLU B 167 10.63 16.87 26.52
C GLU B 167 9.23 16.33 26.43
N ILE B 168 8.61 16.58 25.29
CA ILE B 168 7.30 16.03 25.00
C ILE B 168 7.58 15.26 23.72
N PRO B 169 8.18 14.07 23.87
CA PRO B 169 8.52 13.22 22.74
C PRO B 169 7.24 12.77 22.05
N PHE B 170 7.05 13.29 20.85
CA PHE B 170 5.88 13.00 20.05
C PHE B 170 6.26 12.14 18.87
N TYR B 171 6.00 10.84 18.98
CA TYR B 171 6.29 9.90 17.91
C TYR B 171 7.77 9.92 17.53
N GLY B 172 8.61 9.28 18.34
CA GLY B 172 10.04 9.21 18.06
C GLY B 172 10.82 10.52 18.07
N LYS B 173 10.15 11.65 17.83
CA LYS B 173 10.79 12.96 17.82
C LYS B 173 10.46 13.68 19.15
N ALA B 174 10.09 14.97 19.09
CA ALA B 174 9.78 15.70 20.32
C ALA B 174 9.12 17.06 20.04
N ILE B 175 8.40 17.56 21.03
CA ILE B 175 7.68 18.83 20.93
C ILE B 175 8.20 19.83 21.98
N PRO B 176 8.26 21.13 21.62
CA PRO B 176 8.72 22.19 22.52
C PRO B 176 7.46 22.73 23.21
N LEU B 177 7.37 22.59 24.53
CA LEU B 177 6.16 23.09 25.16
C LEU B 177 5.92 24.59 25.06
N GLU B 178 6.87 25.32 24.48
CA GLU B 178 6.66 26.76 24.28
C GLU B 178 5.75 26.91 23.06
N VAL B 179 5.52 25.80 22.34
CA VAL B 179 4.65 25.77 21.16
C VAL B 179 3.19 25.45 21.57
N ILE B 180 3.07 24.68 22.66
CA ILE B 180 1.77 24.25 23.17
C ILE B 180 1.23 25.07 24.35
N LYS B 181 2.12 25.71 25.10
CA LYS B 181 1.68 26.52 26.22
C LYS B 181 1.27 27.90 25.75
N GLY B 182 -0.03 28.15 25.87
CA GLY B 182 -0.57 29.42 25.45
C GLY B 182 -1.34 29.19 24.16
N GLY B 183 -2.55 29.73 24.13
CA GLY B 183 -3.40 29.60 22.96
C GLY B 183 -4.02 28.22 22.83
N ARG B 184 -4.95 28.12 21.89
CA ARG B 184 -5.65 26.86 21.64
C ARG B 184 -4.88 26.01 20.64
N HIS B 185 -4.91 24.70 20.83
CA HIS B 185 -4.18 23.80 19.94
C HIS B 185 -4.79 22.43 19.74
N LEU B 186 -4.31 21.73 18.71
CA LEU B 186 -4.80 20.41 18.38
C LEU B 186 -3.67 19.57 17.93
N ILE B 187 -3.41 18.48 18.66
CA ILE B 187 -2.36 17.55 18.31
C ILE B 187 -3.11 16.32 17.88
N PHE B 188 -2.68 15.73 16.77
CA PHE B 188 -3.34 14.52 16.24
C PHE B 188 -2.51 13.28 16.43
N CYS B 189 -3.06 12.36 17.21
CA CYS B 189 -2.43 11.09 17.48
C CYS B 189 -3.31 10.08 16.78
N HIS B 190 -2.78 8.91 16.53
CA HIS B 190 -3.52 7.87 15.84
C HIS B 190 -4.40 7.03 16.78
N SER B 191 -4.12 7.06 18.07
CA SER B 191 -4.87 6.21 18.97
C SER B 191 -5.50 6.89 20.18
N LYS B 192 -6.54 6.25 20.71
CA LYS B 192 -7.26 6.70 21.91
C LYS B 192 -6.27 6.69 23.06
N LYS B 193 -5.65 5.53 23.27
CA LYS B 193 -4.66 5.37 24.34
C LYS B 193 -3.41 6.21 24.08
N LYS B 194 -3.25 6.68 22.86
CA LYS B 194 -2.11 7.52 22.52
C LYS B 194 -2.45 8.96 22.94
N CYS B 195 -3.72 9.30 22.80
CA CYS B 195 -4.25 10.62 23.14
C CYS B 195 -4.27 10.78 24.64
N ASP B 196 -4.67 9.69 25.28
CA ASP B 196 -4.77 9.62 26.71
C ASP B 196 -3.45 9.94 27.39
N GLU B 197 -2.42 9.17 27.05
CA GLU B 197 -1.11 9.35 27.64
C GLU B 197 -0.50 10.72 27.38
N LEU B 198 -0.64 11.22 26.16
CA LEU B 198 -0.09 12.52 25.80
C LEU B 198 -0.76 13.63 26.62
N ALA B 199 -2.09 13.67 26.65
CA ALA B 199 -2.78 14.70 27.40
C ALA B 199 -2.30 14.63 28.86
N ALA B 200 -1.90 13.44 29.27
CA ALA B 200 -1.41 13.21 30.60
C ALA B 200 0.02 13.75 30.89
N LYS B 201 0.98 13.49 30.00
CA LYS B 201 2.31 13.99 30.22
C LYS B 201 2.26 15.50 30.22
N LEU B 202 1.37 16.04 29.38
CA LEU B 202 1.20 17.48 29.26
C LEU B 202 0.66 18.11 30.55
N VAL B 203 -0.42 17.57 31.08
CA VAL B 203 -1.01 18.08 32.32
C VAL B 203 0.00 18.06 33.47
N ALA B 204 0.90 17.10 33.46
CA ALA B 204 1.90 17.03 34.51
C ALA B 204 3.02 18.06 34.27
N LEU B 205 2.92 18.81 33.17
CA LEU B 205 3.89 19.83 32.82
C LEU B 205 3.29 21.23 32.84
N GLY B 206 2.03 21.34 33.24
CA GLY B 206 1.39 22.64 33.35
C GLY B 206 0.47 23.04 32.24
N ILE B 207 0.30 22.17 31.25
CA ILE B 207 -0.57 22.45 30.11
C ILE B 207 -2.00 21.93 30.30
N ASN B 208 -2.96 22.74 29.83
CA ASN B 208 -4.36 22.34 29.88
C ASN B 208 -4.54 21.46 28.64
N ALA B 209 -4.45 20.14 28.83
CA ALA B 209 -4.60 19.18 27.73
C ALA B 209 -5.88 18.40 27.90
N VAL B 210 -6.64 18.30 26.81
CA VAL B 210 -7.89 17.58 26.83
C VAL B 210 -7.85 16.51 25.74
N ALA B 211 -7.99 15.26 26.14
CA ALA B 211 -7.98 14.14 25.22
C ALA B 211 -9.32 14.06 24.50
N TYR B 212 -9.28 13.76 23.19
CA TYR B 212 -10.50 13.63 22.40
C TYR B 212 -10.38 12.52 21.34
N TYR B 213 -11.33 11.60 21.37
CA TYR B 213 -11.41 10.50 20.42
C TYR B 213 -12.89 10.12 20.33
N ARG B 214 -13.18 9.00 19.67
CA ARG B 214 -14.56 8.55 19.49
C ARG B 214 -15.35 8.41 20.80
N GLY B 215 -15.95 9.51 21.25
CA GLY B 215 -16.73 9.51 22.47
C GLY B 215 -17.41 10.84 22.77
N LEU B 216 -17.15 11.38 23.96
CA LEU B 216 -17.74 12.65 24.41
C LEU B 216 -17.07 13.91 23.86
N ASP B 217 -17.89 14.87 23.44
CA ASP B 217 -17.40 16.16 22.90
C ASP B 217 -17.37 17.15 24.06
N VAL B 218 -17.31 18.44 23.73
CA VAL B 218 -17.27 19.55 24.69
C VAL B 218 -16.26 19.41 25.81
N SER B 219 -15.39 18.40 25.67
CA SER B 219 -14.33 18.13 26.63
C SER B 219 -13.36 19.28 26.46
N VAL B 220 -13.33 19.79 25.23
CA VAL B 220 -12.49 20.93 24.90
C VAL B 220 -13.40 22.09 25.28
N ILE B 221 -12.88 23.07 26.02
CA ILE B 221 -13.72 24.20 26.40
C ILE B 221 -13.97 25.00 25.11
N PRO B 222 -15.22 25.47 24.90
CA PRO B 222 -15.60 26.25 23.71
C PRO B 222 -15.07 27.69 23.58
N THR B 223 -14.92 28.38 24.70
CA THR B 223 -14.50 29.78 24.64
C THR B 223 -13.29 30.13 25.54
N ASN B 224 -12.72 29.13 26.20
CA ASN B 224 -11.58 29.37 27.08
C ASN B 224 -10.29 28.96 26.36
N GLY B 225 -9.43 29.95 26.09
CA GLY B 225 -8.18 29.71 25.40
C GLY B 225 -7.19 28.79 26.09
N ASP B 226 -5.96 28.81 25.57
CA ASP B 226 -4.83 28.00 26.06
C ASP B 226 -5.00 26.49 26.10
N VAL B 227 -6.20 26.01 25.82
CA VAL B 227 -6.49 24.59 25.83
C VAL B 227 -5.75 23.92 24.71
N VAL B 228 -5.46 22.63 24.91
CA VAL B 228 -4.76 21.80 23.93
C VAL B 228 -5.55 20.51 23.80
N VAL B 229 -6.10 20.27 22.63
CA VAL B 229 -6.84 19.05 22.41
C VAL B 229 -5.86 18.06 21.74
N VAL B 230 -5.76 16.88 22.31
CA VAL B 230 -4.93 15.84 21.75
C VAL B 230 -6.01 14.92 21.22
N SER B 231 -6.23 15.04 19.92
CA SER B 231 -7.28 14.32 19.26
C SER B 231 -6.92 13.19 18.30
N THR B 232 -7.88 12.28 18.20
CA THR B 232 -7.85 11.17 17.29
C THR B 232 -8.66 11.83 16.15
N ASP B 233 -8.69 11.28 14.95
CA ASP B 233 -9.48 11.94 13.89
C ASP B 233 -11.00 11.95 14.15
N ALA B 234 -11.40 11.49 15.34
CA ALA B 234 -12.80 11.43 15.73
C ALA B 234 -13.41 12.81 15.90
N LEU B 235 -12.57 13.83 15.96
CA LEU B 235 -13.07 15.19 16.08
C LEU B 235 -13.24 15.64 14.64
N MET B 236 -14.47 15.66 14.16
CA MET B 236 -14.74 16.04 12.77
C MET B 236 -14.40 17.49 12.39
N THR B 237 -13.88 17.64 11.18
CA THR B 237 -13.45 18.90 10.58
C THR B 237 -14.46 20.04 10.73
N GLY B 238 -15.74 19.71 10.62
CA GLY B 238 -16.78 20.72 10.77
C GLY B 238 -16.87 21.31 12.16
N PHE B 239 -16.40 20.56 13.16
CA PHE B 239 -16.41 20.98 14.56
C PHE B 239 -15.69 22.33 14.73
N THR B 240 -14.40 22.33 14.41
CA THR B 240 -13.54 23.51 14.51
C THR B 240 -13.45 24.10 15.93
N GLY B 241 -12.38 23.76 16.66
CA GLY B 241 -12.21 24.29 18.01
C GLY B 241 -11.43 25.59 18.03
N ASP B 242 -11.32 26.24 16.87
CA ASP B 242 -10.59 27.50 16.73
C ASP B 242 -9.18 27.35 17.32
N PHE B 243 -8.27 26.76 16.55
CA PHE B 243 -6.90 26.52 17.00
C PHE B 243 -5.81 27.35 16.36
N ASP B 244 -4.76 27.63 17.12
CA ASP B 244 -3.62 28.40 16.64
C ASP B 244 -2.76 27.47 15.79
N SER B 245 -2.50 26.27 16.30
CA SER B 245 -1.68 25.30 15.60
C SER B 245 -2.26 23.91 15.65
N VAL B 246 -1.59 23.01 14.92
CA VAL B 246 -1.95 21.61 14.79
C VAL B 246 -0.65 20.89 14.57
N ILE B 247 -0.35 19.90 15.40
CA ILE B 247 0.87 19.08 15.26
C ILE B 247 0.33 17.73 14.81
N ASP B 248 0.89 17.19 13.76
CA ASP B 248 0.38 15.94 13.23
C ASP B 248 1.34 14.81 13.40
N CYS B 249 0.84 13.65 13.80
CA CYS B 249 1.69 12.48 13.96
C CYS B 249 1.96 11.77 12.62
N ASN B 250 1.29 12.23 11.57
CA ASN B 250 1.41 11.70 10.22
C ASN B 250 1.14 10.19 10.03
N THR B 251 0.38 9.60 10.95
CA THR B 251 0.02 8.20 10.84
C THR B 251 -1.50 8.17 10.95
N CYS B 252 -2.08 7.05 10.52
CA CYS B 252 -3.53 6.82 10.53
C CYS B 252 -3.85 5.36 10.82
N VAL B 253 -5.05 5.12 11.35
CA VAL B 253 -5.55 3.78 11.64
C VAL B 253 -6.71 3.49 10.67
N THR B 254 -6.67 2.35 9.97
CA THR B 254 -7.72 1.99 9.02
C THR B 254 -8.25 0.57 9.18
N GLN B 255 -9.48 0.36 8.74
CA GLN B 255 -10.07 -0.96 8.81
C GLN B 255 -9.48 -1.78 7.68
N THR B 256 -9.11 -3.01 7.99
CA THR B 256 -8.53 -3.91 7.02
C THR B 256 -9.04 -5.29 7.38
N VAL B 257 -9.02 -6.17 6.37
CA VAL B 257 -9.46 -7.55 6.53
C VAL B 257 -8.21 -8.42 6.35
N ASP B 258 -8.13 -9.49 7.13
CA ASP B 258 -7.02 -10.43 7.04
C ASP B 258 -7.71 -11.70 6.62
N PHE B 259 -7.14 -12.41 5.64
CA PHE B 259 -7.69 -13.69 5.20
C PHE B 259 -6.85 -14.63 6.01
N SER B 260 -7.13 -14.57 7.30
CA SER B 260 -6.42 -15.32 8.32
C SER B 260 -6.58 -16.82 8.34
N LEU B 261 -7.56 -17.33 7.61
CA LEU B 261 -7.81 -18.76 7.55
C LEU B 261 -7.96 -19.44 8.89
N ASP B 262 -8.36 -18.72 9.94
CA ASP B 262 -8.62 -19.39 11.22
C ASP B 262 -9.88 -20.04 10.63
N PRO B 263 -11.10 -19.53 10.94
CA PRO B 263 -12.00 -20.38 10.16
C PRO B 263 -11.85 -19.71 8.79
N THR B 264 -12.22 -18.43 8.75
CA THR B 264 -12.21 -17.69 7.51
C THR B 264 -11.41 -16.39 7.42
N PHE B 265 -12.07 -15.26 7.66
CA PHE B 265 -11.43 -13.95 7.58
C PHE B 265 -11.58 -13.14 8.89
N THR B 266 -10.87 -12.02 9.02
CA THR B 266 -10.92 -11.18 10.22
C THR B 266 -11.04 -9.68 9.91
N ILE B 267 -12.03 -9.04 10.49
CA ILE B 267 -12.17 -7.60 10.34
C ILE B 267 -11.29 -7.05 11.48
N GLU B 268 -10.27 -6.29 11.11
CA GLU B 268 -9.30 -5.71 12.05
C GLU B 268 -8.90 -4.29 11.59
N THR B 269 -7.76 -3.79 12.05
CA THR B 269 -7.35 -2.45 11.66
C THR B 269 -5.87 -2.49 11.33
N THR B 270 -5.35 -1.35 10.91
CA THR B 270 -3.95 -1.20 10.57
C THR B 270 -3.52 0.26 10.63
N THR B 271 -2.28 0.50 11.04
CA THR B 271 -1.70 1.84 11.14
C THR B 271 -0.75 2.02 9.97
N LEU B 272 -0.92 3.09 9.23
CA LEU B 272 -0.07 3.32 8.07
C LEU B 272 0.16 4.79 7.92
N PRO B 273 1.20 5.17 7.17
CA PRO B 273 1.53 6.58 6.94
C PRO B 273 0.25 7.24 6.47
N GLN B 274 -0.04 8.45 6.93
CA GLN B 274 -1.27 9.06 6.49
C GLN B 274 -1.12 9.37 5.02
N ASP B 275 -2.20 9.78 4.36
CA ASP B 275 -2.10 10.12 2.95
C ASP B 275 -2.43 11.59 2.68
N ALA B 276 -2.28 11.99 1.43
CA ALA B 276 -2.50 13.37 1.04
C ALA B 276 -3.89 13.90 1.40
N VAL B 277 -4.86 13.00 1.53
CA VAL B 277 -6.21 13.41 1.90
C VAL B 277 -6.28 13.68 3.40
N SER B 278 -5.64 12.79 4.16
CA SER B 278 -5.60 12.87 5.62
C SER B 278 -4.87 14.12 6.06
N ARG B 279 -3.70 14.37 5.47
CA ARG B 279 -2.94 15.54 5.85
C ARG B 279 -3.79 16.79 5.65
N THR B 280 -4.37 16.91 4.46
CA THR B 280 -5.22 18.06 4.13
C THR B 280 -6.32 18.33 5.15
N GLN B 281 -7.08 17.30 5.55
CA GLN B 281 -8.17 17.49 6.52
C GLN B 281 -7.68 17.74 7.94
N ARG B 282 -6.51 17.19 8.29
CA ARG B 282 -5.95 17.37 9.62
C ARG B 282 -5.40 18.78 9.74
N ARG B 283 -4.65 19.21 8.74
CA ARG B 283 -4.07 20.56 8.72
C ARG B 283 -5.07 21.67 8.35
N GLY B 284 -6.19 21.32 7.71
CA GLY B 284 -7.18 22.30 7.35
C GLY B 284 -8.05 22.70 8.52
N ARG B 285 -7.87 22.03 9.66
CA ARG B 285 -8.63 22.29 10.89
C ARG B 285 -8.17 23.51 11.72
N THR B 286 -6.90 23.86 11.56
CA THR B 286 -6.28 24.96 12.31
C THR B 286 -6.71 26.38 11.93
N GLY B 287 -6.92 27.18 12.97
CA GLY B 287 -7.32 28.56 12.81
C GLY B 287 -8.73 28.72 12.29
N ARG B 288 -8.87 28.56 10.96
CA ARG B 288 -10.15 28.73 10.27
C ARG B 288 -10.68 30.13 10.53
N GLY B 289 -10.03 31.10 9.88
CA GLY B 289 -10.35 32.50 10.01
C GLY B 289 -9.04 33.22 10.27
N LYS B 290 -8.16 32.54 11.01
CA LYS B 290 -6.83 33.04 11.36
C LYS B 290 -5.82 32.30 10.47
N PRO B 291 -4.56 32.78 10.40
CA PRO B 291 -3.53 32.14 9.57
C PRO B 291 -3.20 30.69 10.01
N GLY B 292 -2.92 30.49 11.30
CA GLY B 292 -2.62 29.16 11.80
C GLY B 292 -1.25 28.64 11.45
N ILE B 293 -0.94 27.46 11.95
CA ILE B 293 0.35 26.83 11.70
C ILE B 293 0.21 25.31 11.78
N TYR B 294 1.01 24.60 10.97
CA TYR B 294 0.99 23.14 10.93
C TYR B 294 2.36 22.56 11.21
N ARG B 295 2.44 21.75 12.25
CA ARG B 295 3.68 21.09 12.65
C ARG B 295 3.49 19.63 12.27
N PHE B 296 4.56 18.96 11.86
CA PHE B 296 4.46 17.57 11.46
C PHE B 296 5.72 16.79 11.74
N VAL B 297 5.54 15.53 12.11
CA VAL B 297 6.63 14.61 12.44
C VAL B 297 7.34 14.11 11.19
N ALA B 298 6.66 13.24 10.43
CA ALA B 298 7.23 12.64 9.21
C ALA B 298 7.09 13.50 7.95
N PRO B 299 8.14 13.50 7.09
CA PRO B 299 8.15 14.26 5.84
C PRO B 299 7.22 13.68 4.75
N GLY B 300 6.99 12.36 4.81
CA GLY B 300 6.15 11.68 3.84
C GLY B 300 4.70 11.42 4.20
N GLU B 301 4.04 10.75 3.25
CA GLU B 301 2.63 10.36 3.32
C GLU B 301 2.34 9.35 2.20
N ARG B 302 1.31 9.51 1.42
CA ARG B 302 0.88 8.81 0.20
C ARG B 302 -0.14 9.64 -0.56
N PRO B 303 0.16 10.05 -1.81
CA PRO B 303 -0.79 10.79 -2.60
C PRO B 303 -2.03 9.96 -2.91
N SER B 304 -2.94 9.87 -1.93
CA SER B 304 -4.19 9.08 -2.05
C SER B 304 -3.82 7.59 -2.19
N GLY B 305 -4.58 6.81 -2.99
CA GLY B 305 -4.22 5.38 -3.17
C GLY B 305 -5.45 4.46 -3.32
N MET B 306 -5.26 3.22 -2.83
CA MET B 306 -6.27 2.16 -2.89
C MET B 306 -6.97 1.97 -1.53
N PHE B 307 -8.18 1.43 -1.63
CA PHE B 307 -9.03 1.15 -0.44
C PHE B 307 -9.24 -0.36 -0.30
N ASP B 308 -9.39 -0.70 1.05
CA ASP B 308 -9.27 -2.09 1.44
C ASP B 308 -10.44 -2.95 0.98
N SER B 309 -10.23 -4.27 0.99
CA SER B 309 -11.23 -5.24 0.61
C SER B 309 -12.35 -5.33 1.64
N SER B 310 -12.11 -4.84 2.86
CA SER B 310 -13.15 -4.88 3.91
C SER B 310 -14.24 -3.90 3.54
N VAL B 311 -13.91 -2.90 2.74
CA VAL B 311 -14.91 -1.91 2.30
C VAL B 311 -15.82 -2.58 1.25
N LEU B 312 -15.24 -3.50 0.50
CA LEU B 312 -16.00 -4.27 -0.46
C LEU B 312 -17.04 -5.06 0.34
N CYS B 313 -16.58 -5.64 1.44
CA CYS B 313 -17.44 -6.42 2.34
C CYS B 313 -18.57 -5.54 2.87
N GLU B 314 -18.23 -4.32 3.25
CA GLU B 314 -19.21 -3.39 3.77
C GLU B 314 -20.30 -3.06 2.78
N CYS B 315 -19.93 -2.98 1.52
CA CYS B 315 -20.88 -2.65 0.45
C CYS B 315 -21.89 -3.79 0.26
N TYR B 316 -21.42 -5.03 0.31
CA TYR B 316 -22.26 -6.21 0.18
C TYR B 316 -23.13 -6.34 1.43
N ASP B 317 -22.53 -6.00 2.57
CA ASP B 317 -23.22 -6.04 3.86
C ASP B 317 -24.28 -4.99 3.84
N ALA B 318 -23.92 -3.76 3.47
CA ALA B 318 -24.87 -2.64 3.42
C ALA B 318 -25.97 -2.83 2.39
N GLY B 319 -25.61 -3.42 1.24
CA GLY B 319 -26.58 -3.72 0.20
C GLY B 319 -27.63 -4.68 0.73
N CYS B 320 -27.16 -5.73 1.39
CA CYS B 320 -28.08 -6.71 1.96
C CYS B 320 -28.90 -6.13 3.10
N ALA B 321 -28.22 -5.56 4.10
CA ALA B 321 -28.84 -4.98 5.28
C ALA B 321 -29.65 -3.73 5.04
N TRP B 322 -29.13 -2.81 4.25
CA TRP B 322 -29.84 -1.55 4.04
C TRP B 322 -30.60 -1.26 2.75
N TYR B 323 -30.07 -1.71 1.62
CA TYR B 323 -30.63 -1.37 0.35
C TYR B 323 -31.40 -2.42 -0.39
N GLU B 324 -31.74 -3.53 0.27
CA GLU B 324 -32.49 -4.60 -0.37
C GLU B 324 -31.82 -4.87 -1.71
N LEU B 325 -30.54 -5.18 -1.64
CA LEU B 325 -29.80 -5.44 -2.86
C LEU B 325 -29.31 -6.88 -2.79
N MET B 326 -29.55 -7.59 -3.89
CA MET B 326 -29.07 -8.96 -3.99
C MET B 326 -27.58 -8.77 -4.25
N PRO B 327 -26.74 -9.68 -3.73
CA PRO B 327 -25.29 -9.61 -3.92
C PRO B 327 -24.91 -9.32 -5.37
N ALA B 328 -25.63 -9.94 -6.30
CA ALA B 328 -25.39 -9.73 -7.71
C ALA B 328 -25.69 -8.29 -8.18
N GLU B 329 -26.61 -7.60 -7.49
CA GLU B 329 -26.94 -6.19 -7.82
C GLU B 329 -25.84 -5.30 -7.31
N THR B 330 -25.29 -5.67 -6.17
CA THR B 330 -24.19 -4.94 -5.57
C THR B 330 -22.98 -5.10 -6.50
N THR B 331 -22.74 -6.33 -6.93
CA THR B 331 -21.65 -6.64 -7.83
C THR B 331 -21.69 -5.83 -9.11
N VAL B 332 -22.88 -5.57 -9.63
CA VAL B 332 -23.06 -4.78 -10.85
C VAL B 332 -22.63 -3.33 -10.64
N ARG B 333 -23.10 -2.74 -9.55
CA ARG B 333 -22.78 -1.36 -9.20
C ARG B 333 -21.29 -1.18 -8.85
N LEU B 334 -20.70 -2.20 -8.25
CA LEU B 334 -19.30 -2.15 -7.85
C LEU B 334 -18.42 -2.31 -9.08
N ARG B 335 -18.86 -3.18 -9.99
CA ARG B 335 -18.12 -3.41 -11.21
C ARG B 335 -18.13 -2.12 -12.06
N ALA B 336 -19.24 -1.37 -12.01
CA ALA B 336 -19.31 -0.09 -12.74
C ALA B 336 -18.25 0.84 -12.20
N TYR B 337 -18.16 0.92 -10.87
CA TYR B 337 -17.15 1.77 -10.23
C TYR B 337 -15.76 1.36 -10.70
N MET B 338 -15.43 0.06 -10.54
CA MET B 338 -14.14 -0.52 -10.92
C MET B 338 -13.76 -0.42 -12.39
N ASN B 339 -14.75 -0.28 -13.25
CA ASN B 339 -14.47 -0.16 -14.67
C ASN B 339 -14.18 1.30 -15.06
N THR B 340 -14.53 2.24 -14.18
CA THR B 340 -14.30 3.65 -14.47
C THR B 340 -12.91 4.15 -14.09
N PRO B 341 -12.20 4.78 -15.02
CA PRO B 341 -10.86 5.29 -14.73
C PRO B 341 -10.89 6.54 -13.86
N GLY B 342 -9.80 6.73 -13.13
CA GLY B 342 -9.69 7.91 -12.29
C GLY B 342 -10.31 7.83 -10.92
N LEU B 343 -10.53 6.63 -10.40
CA LEU B 343 -11.11 6.45 -9.07
C LEU B 343 -10.13 5.60 -8.29
N PRO B 344 -10.14 5.71 -6.95
CA PRO B 344 -9.24 4.89 -6.13
C PRO B 344 -9.41 3.41 -6.54
N VAL B 345 -8.34 2.62 -6.40
CA VAL B 345 -8.36 1.23 -6.81
C VAL B 345 -8.48 0.29 -5.65
N CYS B 346 -8.92 -0.92 -5.91
CA CYS B 346 -9.02 -1.91 -4.87
C CYS B 346 -8.80 -3.28 -5.50
N GLN B 347 -8.55 -4.28 -4.67
CA GLN B 347 -8.37 -5.66 -5.10
C GLN B 347 -9.72 -6.15 -5.63
N ASP B 348 -9.71 -6.95 -6.70
CA ASP B 348 -10.95 -7.44 -7.28
C ASP B 348 -11.46 -8.65 -6.52
N HIS B 349 -12.26 -8.39 -5.49
CA HIS B 349 -12.82 -9.46 -4.68
C HIS B 349 -14.33 -9.56 -4.87
N LEU B 350 -14.83 -8.93 -5.93
CA LEU B 350 -16.26 -8.95 -6.22
C LEU B 350 -16.94 -10.32 -6.15
N GLU B 351 -16.38 -11.32 -6.83
CA GLU B 351 -16.95 -12.66 -6.82
C GLU B 351 -16.87 -13.26 -5.44
N PHE B 352 -15.76 -13.02 -4.76
CA PHE B 352 -15.57 -13.58 -3.43
C PHE B 352 -16.62 -13.09 -2.47
N TRP B 353 -16.78 -11.79 -2.37
CA TRP B 353 -17.74 -11.24 -1.43
C TRP B 353 -19.14 -11.58 -1.83
N GLU B 354 -19.47 -11.38 -3.10
CA GLU B 354 -20.82 -11.71 -3.58
C GLU B 354 -21.02 -13.19 -3.28
N GLY B 355 -19.97 -13.97 -3.44
CA GLY B 355 -20.09 -15.37 -3.15
C GLY B 355 -20.37 -15.67 -1.71
N VAL B 356 -19.73 -14.97 -0.78
CA VAL B 356 -19.99 -15.25 0.63
C VAL B 356 -21.36 -14.76 1.09
N PHE B 357 -21.81 -13.61 0.59
CA PHE B 357 -23.10 -13.10 0.99
C PHE B 357 -24.28 -13.87 0.46
N THR B 358 -24.08 -14.55 -0.66
CA THR B 358 -25.13 -15.38 -1.25
C THR B 358 -25.38 -16.58 -0.33
N GLY B 359 -24.31 -17.09 0.28
CA GLY B 359 -24.44 -18.22 1.16
C GLY B 359 -24.90 -17.83 2.54
N LEU B 360 -25.09 -16.55 2.78
CA LEU B 360 -25.54 -16.13 4.11
C LEU B 360 -27.07 -16.25 4.17
N THR B 361 -27.52 -17.49 4.25
CA THR B 361 -28.96 -17.80 4.22
C THR B 361 -29.78 -17.81 5.50
N HIS B 362 -31.06 -17.46 5.37
CA HIS B 362 -32.02 -17.48 6.48
C HIS B 362 -31.55 -16.67 7.71
N ILE B 363 -31.25 -15.40 7.50
CA ILE B 363 -30.81 -14.55 8.59
C ILE B 363 -32.06 -14.25 9.41
N ASP B 364 -31.88 -14.00 10.71
CA ASP B 364 -33.00 -13.71 11.56
C ASP B 364 -33.35 -12.27 11.36
N ALA B 365 -34.49 -12.02 10.76
CA ALA B 365 -34.96 -10.68 10.49
C ALA B 365 -34.90 -9.80 11.74
N HIS B 366 -35.14 -10.39 12.91
CA HIS B 366 -35.13 -9.63 14.17
C HIS B 366 -33.77 -9.22 14.65
N PHE B 367 -32.79 -10.08 14.47
CA PHE B 367 -31.42 -9.73 14.88
C PHE B 367 -30.89 -8.64 13.95
N LEU B 368 -31.25 -8.73 12.67
CA LEU B 368 -30.77 -7.74 11.71
C LEU B 368 -31.41 -6.38 11.95
N SER B 369 -32.66 -6.35 12.39
CA SER B 369 -33.28 -5.07 12.64
C SER B 369 -32.50 -4.49 13.81
N GLN B 370 -32.21 -5.33 14.78
CA GLN B 370 -31.47 -4.89 15.96
C GLN B 370 -30.02 -4.46 15.73
N THR B 371 -29.26 -5.21 14.92
CA THR B 371 -27.86 -4.85 14.63
C THR B 371 -27.77 -3.58 13.75
N LYS B 372 -28.79 -3.39 12.93
CA LYS B 372 -28.87 -2.24 12.06
C LYS B 372 -29.05 -0.96 12.90
N GLN B 373 -29.89 -1.03 13.94
CA GLN B 373 -30.09 0.14 14.79
C GLN B 373 -29.03 0.35 15.86
N SER B 374 -28.18 -0.64 16.11
CA SER B 374 -27.09 -0.50 17.07
C SER B 374 -26.01 0.33 16.42
N GLY B 375 -26.16 0.63 15.14
CA GLY B 375 -25.16 1.42 14.43
C GLY B 375 -23.88 0.62 14.28
N GLU B 376 -24.04 -0.70 14.18
CA GLU B 376 -22.94 -1.66 14.02
C GLU B 376 -22.29 -1.52 12.65
N ASN B 377 -21.04 -1.95 12.57
CA ASN B 377 -20.20 -1.85 11.38
C ASN B 377 -20.55 -2.80 10.22
N PHE B 378 -20.90 -4.01 10.59
CA PHE B 378 -21.26 -5.02 9.62
C PHE B 378 -22.49 -5.62 10.22
N PRO B 379 -23.61 -4.87 10.19
CA PRO B 379 -24.86 -5.37 10.76
C PRO B 379 -25.35 -6.69 10.20
N TYR B 380 -25.11 -6.94 8.93
CA TYR B 380 -25.54 -8.17 8.33
C TYR B 380 -24.69 -9.30 8.87
N LEU B 381 -23.38 -9.13 8.85
CA LEU B 381 -22.45 -10.16 9.34
C LEU B 381 -22.60 -10.42 10.83
N VAL B 382 -22.93 -9.37 11.59
CA VAL B 382 -23.13 -9.50 13.04
C VAL B 382 -24.40 -10.28 13.26
N ALA B 383 -25.47 -9.81 12.62
CA ALA B 383 -26.78 -10.44 12.70
C ALA B 383 -26.75 -11.87 12.13
N TYR B 384 -25.85 -12.14 11.21
CA TYR B 384 -25.77 -13.49 10.69
C TYR B 384 -25.06 -14.37 11.69
N GLN B 385 -23.99 -13.88 12.30
CA GLN B 385 -23.29 -14.69 13.27
C GLN B 385 -24.15 -14.96 14.51
N ALA B 386 -25.07 -14.04 14.80
CA ALA B 386 -25.97 -14.17 15.94
C ALA B 386 -26.99 -15.23 15.64
N THR B 387 -27.42 -15.29 14.40
CA THR B 387 -28.42 -16.28 13.97
C THR B 387 -27.84 -17.67 14.11
N VAL B 388 -26.67 -17.94 13.56
CA VAL B 388 -26.14 -19.28 13.69
C VAL B 388 -25.85 -19.72 15.13
N CYS B 389 -25.68 -18.74 16.02
CA CYS B 389 -25.44 -19.01 17.44
C CYS B 389 -26.81 -19.37 18.02
N ALA B 390 -27.79 -18.49 17.80
CA ALA B 390 -29.15 -18.69 18.26
C ALA B 390 -29.61 -20.07 17.82
N ARG B 391 -29.55 -20.34 16.51
CA ARG B 391 -29.95 -21.61 15.92
C ARG B 391 -29.32 -22.76 16.66
N ALA B 392 -28.02 -22.66 16.91
CA ALA B 392 -27.25 -23.67 17.61
C ALA B 392 -27.39 -23.58 19.09
N GLN B 393 -28.12 -22.57 19.56
CA GLN B 393 -28.33 -22.35 20.98
C GLN B 393 -26.98 -22.14 21.68
N ALA B 394 -26.04 -21.52 20.94
CA ALA B 394 -24.70 -21.23 21.40
C ALA B 394 -24.49 -19.74 21.63
N PRO B 395 -23.50 -19.40 22.46
CA PRO B 395 -23.24 -17.99 22.75
C PRO B 395 -22.39 -17.34 21.69
N PRO B 396 -22.35 -15.99 21.68
CA PRO B 396 -21.54 -15.26 20.69
C PRO B 396 -20.05 -15.44 21.02
N PRO B 397 -19.15 -15.05 20.09
CA PRO B 397 -17.69 -15.15 20.24
C PRO B 397 -17.14 -14.48 21.50
N SER B 398 -17.79 -13.39 21.88
CA SER B 398 -17.48 -12.61 23.08
C SER B 398 -18.84 -12.01 23.45
N TRP B 399 -18.93 -11.34 24.59
CA TRP B 399 -20.19 -10.74 25.00
C TRP B 399 -20.16 -9.23 24.90
N ASP B 400 -19.22 -8.76 24.09
CA ASP B 400 -19.03 -7.35 23.79
C ASP B 400 -20.38 -6.83 23.28
N GLN B 401 -20.65 -5.54 23.50
CA GLN B 401 -21.93 -4.95 23.10
C GLN B 401 -22.33 -5.03 21.62
N MET B 402 -21.48 -5.67 20.82
CA MET B 402 -21.73 -5.88 19.41
C MET B 402 -22.80 -6.99 19.30
N TRP B 403 -22.83 -7.84 20.33
CA TRP B 403 -23.75 -8.98 20.43
C TRP B 403 -24.96 -8.81 21.37
N LYS B 404 -25.31 -7.59 21.72
CA LYS B 404 -26.42 -7.33 22.62
C LYS B 404 -27.81 -7.86 22.22
N CYS B 405 -27.93 -8.35 20.99
CA CYS B 405 -29.22 -8.86 20.49
C CYS B 405 -29.47 -10.25 21.02
N LEU B 406 -28.39 -10.89 21.44
CA LEU B 406 -28.43 -12.25 21.97
C LEU B 406 -28.52 -12.35 23.49
N ILE B 407 -28.87 -11.26 24.17
CA ILE B 407 -28.94 -11.36 25.61
C ILE B 407 -30.20 -12.08 26.06
N ARG B 408 -30.05 -13.39 25.99
CA ARG B 408 -31.02 -14.42 26.36
C ARG B 408 -30.03 -15.60 26.46
N LEU B 409 -28.87 -15.29 27.00
CA LEU B 409 -27.80 -16.26 27.15
C LEU B 409 -28.08 -17.42 28.08
N LYS B 410 -29.35 -17.55 28.50
CA LYS B 410 -29.76 -18.64 29.37
C LYS B 410 -29.52 -19.97 28.63
N PRO B 411 -30.06 -20.10 27.39
CA PRO B 411 -29.86 -21.33 26.63
C PRO B 411 -28.65 -21.22 25.72
N THR B 412 -28.35 -20.00 25.29
CA THR B 412 -27.21 -19.75 24.43
C THR B 412 -25.97 -19.78 25.30
N LEU B 413 -25.86 -20.83 26.10
CA LEU B 413 -24.73 -20.98 26.97
C LEU B 413 -23.88 -22.10 26.40
N HIS B 414 -24.46 -22.83 25.44
CA HIS B 414 -23.79 -23.95 24.79
C HIS B 414 -22.34 -23.64 24.44
N GLY B 415 -21.47 -23.96 25.40
CA GLY B 415 -20.05 -23.74 25.27
C GLY B 415 -19.37 -23.22 23.99
N PRO B 416 -19.26 -24.03 22.93
CA PRO B 416 -18.59 -23.57 21.70
C PRO B 416 -19.40 -22.74 20.73
N THR B 417 -18.88 -21.58 20.37
CA THR B 417 -19.58 -20.75 19.39
C THR B 417 -19.07 -21.14 18.03
N PRO B 418 -19.98 -21.41 17.09
CA PRO B 418 -19.65 -21.79 15.70
C PRO B 418 -19.09 -20.59 14.97
N LEU B 419 -17.77 -20.44 14.98
CA LEU B 419 -17.11 -19.29 14.36
C LEU B 419 -17.17 -19.24 12.84
N LEU B 420 -17.97 -18.30 12.33
CA LEU B 420 -18.10 -18.14 10.90
C LEU B 420 -16.97 -17.26 10.37
N TYR B 421 -16.55 -16.31 11.21
CA TYR B 421 -15.49 -15.37 10.92
C TYR B 421 -15.21 -14.59 12.18
N ARG B 422 -14.11 -13.85 12.17
CA ARG B 422 -13.71 -13.04 13.31
C ARG B 422 -13.97 -11.57 13.01
N LEU B 423 -14.96 -11.00 13.71
CA LEU B 423 -15.30 -9.59 13.55
C LEU B 423 -14.76 -8.76 14.71
N GLY B 424 -14.29 -9.45 15.75
CA GLY B 424 -13.76 -8.78 16.92
C GLY B 424 -12.99 -9.76 17.76
N ALA B 425 -12.89 -9.47 19.04
CA ALA B 425 -12.16 -10.32 19.95
C ALA B 425 -13.01 -11.53 20.31
N VAL B 426 -12.46 -12.72 20.09
CA VAL B 426 -13.18 -13.93 20.44
C VAL B 426 -12.66 -14.36 21.84
N GLN B 427 -13.58 -14.46 22.79
CA GLN B 427 -13.24 -14.87 24.14
C GLN B 427 -13.84 -16.24 24.48
N ASN B 428 -14.77 -16.71 23.64
CA ASN B 428 -15.42 -18.01 23.88
C ASN B 428 -14.79 -19.15 23.07
N GLU B 429 -14.91 -20.37 23.57
CA GLU B 429 -14.40 -21.54 22.86
C GLU B 429 -15.14 -21.62 21.52
N VAL B 430 -14.43 -21.88 20.43
CA VAL B 430 -15.10 -21.92 19.13
C VAL B 430 -15.07 -23.27 18.45
N THR B 431 -16.02 -23.47 17.54
CA THR B 431 -16.07 -24.68 16.71
C THR B 431 -16.06 -24.19 15.25
N LEU B 432 -15.41 -24.95 14.39
CA LEU B 432 -15.27 -24.56 12.98
C LEU B 432 -15.86 -25.56 12.00
N THR B 433 -16.89 -26.29 12.44
CA THR B 433 -17.53 -27.28 11.58
C THR B 433 -18.91 -26.89 11.06
N HIS B 434 -19.39 -25.68 11.36
CA HIS B 434 -20.72 -25.30 10.86
C HIS B 434 -20.62 -25.18 9.33
N PRO B 435 -21.63 -25.68 8.60
CA PRO B 435 -21.65 -25.63 7.13
C PRO B 435 -21.29 -24.27 6.52
N ILE B 436 -21.81 -23.18 7.07
CA ILE B 436 -21.48 -21.85 6.56
C ILE B 436 -19.97 -21.54 6.69
N THR B 437 -19.29 -22.13 7.68
CA THR B 437 -17.85 -21.92 7.85
C THR B 437 -17.17 -22.67 6.73
N LYS B 438 -17.60 -23.90 6.49
CA LYS B 438 -17.02 -24.71 5.40
C LYS B 438 -17.29 -24.04 4.06
N TYR B 439 -18.45 -23.38 3.95
CA TYR B 439 -18.85 -22.66 2.75
C TYR B 439 -17.96 -21.44 2.47
N ILE B 440 -17.70 -20.64 3.50
CA ILE B 440 -16.87 -19.46 3.32
C ILE B 440 -15.43 -19.86 3.05
N MET B 441 -14.97 -20.90 3.74
CA MET B 441 -13.60 -21.39 3.52
C MET B 441 -13.48 -21.76 2.03
N THR B 442 -14.48 -22.46 1.52
CA THR B 442 -14.49 -22.90 0.14
C THR B 442 -14.50 -21.74 -0.82
N CYS B 443 -15.26 -20.70 -0.49
CA CYS B 443 -15.30 -19.54 -1.33
C CYS B 443 -13.88 -18.99 -1.39
N MET B 444 -13.22 -18.99 -0.25
CA MET B 444 -11.85 -18.50 -0.15
C MET B 444 -10.93 -19.26 -1.09
N SER B 445 -10.96 -20.59 -0.99
CA SER B 445 -10.13 -21.44 -1.82
C SER B 445 -10.35 -21.14 -3.28
N ALA B 446 -11.61 -21.11 -3.68
CA ALA B 446 -11.98 -20.88 -5.06
C ALA B 446 -11.76 -19.47 -5.60
N ASP B 447 -12.11 -18.47 -4.80
CA ASP B 447 -11.99 -17.10 -5.28
C ASP B 447 -10.71 -16.38 -4.92
N LEU B 448 -10.02 -16.85 -3.89
CA LEU B 448 -8.79 -16.22 -3.44
C LEU B 448 -7.60 -17.18 -3.60
N GLU B 449 -6.57 -16.75 -4.32
CA GLU B 449 -5.37 -17.55 -4.57
C GLU B 449 -4.29 -17.27 -3.51
CA CA C . 0.56 -16.63 10.38
CA CA D . -3.24 -8.84 10.53
#